data_6BHW
#
_entry.id   6BHW
#
_cell.length_a   97.479
_cell.length_b   97.479
_cell.length_c   213.595
_cell.angle_alpha   90.00
_cell.angle_beta   90.00
_cell.angle_gamma   90.00
#
_symmetry.space_group_name_H-M   'P 41 21 2'
#
loop_
_entity.id
_entity.type
_entity.pdbx_description
1 polymer 'Single-stranded DNA-binding protein A'
2 non-polymer DI(HYDROXYETHYL)ETHER
3 non-polymer 1,2-ETHANEDIOL
4 water water
#
_entity_poly.entity_id   1
_entity_poly.type   'polypeptide(L)'
_entity_poly.pdbx_seq_one_letter_code
;GSHMLNRVVLVGRLTKDPELRYTPNGAAVATFTLAVNRTFTNQSGEREADFINCVTWRRQAENVANFLKKGSLAGVDGRL
QTRNYENQQGQRVFVTEVQAESVQFLEPKNGGGSGSGGY
;
_entity_poly.pdbx_strand_id   A,B,C,D,E,F,G,H
#
# COMPACT_ATOMS: atom_id res chain seq x y z
N GLY A 1 -0.47 -32.29 -9.09
CA GLY A 1 -0.51 -30.86 -8.69
C GLY A 1 -1.78 -30.49 -7.95
N SER A 2 -1.64 -29.69 -6.90
CA SER A 2 -2.77 -29.21 -6.11
C SER A 2 -2.81 -27.69 -6.13
N HIS A 3 -4.02 -27.14 -6.26
CA HIS A 3 -4.24 -25.70 -6.30
C HIS A 3 -3.58 -25.09 -7.55
N MET A 4 -4.18 -25.41 -8.68
CA MET A 4 -3.70 -24.96 -9.99
C MET A 4 -4.89 -24.46 -10.79
N LEU A 5 -4.86 -23.18 -11.17
CA LEU A 5 -5.87 -22.57 -12.00
C LEU A 5 -5.21 -21.94 -13.22
N ASN A 6 -5.90 -22.01 -14.36
CA ASN A 6 -5.36 -21.48 -15.61
C ASN A 6 -6.55 -21.17 -16.52
N ARG A 7 -6.93 -19.90 -16.60
CA ARG A 7 -8.11 -19.49 -17.36
C ARG A 7 -7.84 -18.19 -18.09
N VAL A 8 -8.20 -18.16 -19.37
CA VAL A 8 -8.04 -17.00 -20.22
CA VAL A 8 -8.05 -16.98 -20.20
C VAL A 8 -9.33 -16.78 -21.01
N VAL A 9 -9.78 -15.53 -21.07
CA VAL A 9 -10.93 -15.15 -21.88
C VAL A 9 -10.53 -13.92 -22.68
N LEU A 10 -10.65 -14.00 -24.00
CA LEU A 10 -10.28 -12.91 -24.88
C LEU A 10 -11.38 -12.69 -25.92
N VAL A 11 -11.48 -11.45 -26.37
CA VAL A 11 -12.26 -11.10 -27.55
C VAL A 11 -11.38 -10.22 -28.42
N GLY A 12 -11.27 -10.55 -29.70
CA GLY A 12 -10.44 -9.80 -30.61
C GLY A 12 -10.78 -10.13 -32.04
N ARG A 13 -9.96 -9.61 -32.95
CA ARG A 13 -10.14 -9.80 -34.38
C ARG A 13 -8.95 -10.55 -34.95
N LEU A 14 -9.23 -11.55 -35.79
CA LEU A 14 -8.16 -12.31 -36.42
C LEU A 14 -7.33 -11.42 -37.32
N THR A 15 -6.01 -11.56 -37.24
CA THR A 15 -5.11 -10.78 -38.08
C THR A 15 -5.03 -11.34 -39.50
N LYS A 16 -5.29 -12.63 -39.67
CA LYS A 16 -5.34 -13.23 -40.99
C LYS A 16 -6.17 -14.51 -40.90
N ASP A 17 -6.46 -15.08 -42.07
CA ASP A 17 -7.27 -16.30 -42.15
C ASP A 17 -6.68 -17.37 -41.23
N PRO A 18 -7.51 -18.20 -40.61
CA PRO A 18 -6.98 -19.27 -39.77
C PRO A 18 -6.33 -20.36 -40.60
N GLU A 19 -5.33 -21.01 -40.01
CA GLU A 19 -4.59 -22.08 -40.67
C GLU A 19 -5.05 -23.42 -40.09
N LEU A 20 -5.68 -24.24 -40.91
CA LEU A 20 -6.16 -25.55 -40.50
C LEU A 20 -5.19 -26.62 -40.99
N ARG A 21 -4.83 -27.52 -40.10
CA ARG A 21 -4.03 -28.70 -40.45
C ARG A 21 -4.57 -29.88 -39.65
N TYR A 22 -3.94 -31.03 -39.85
CA TYR A 22 -4.31 -32.25 -39.13
C TYR A 22 -3.06 -32.87 -38.54
N THR A 23 -3.19 -33.38 -37.32
CA THR A 23 -2.07 -34.00 -36.61
C THR A 23 -1.87 -35.43 -37.08
N PRO A 24 -0.76 -36.07 -36.71
CA PRO A 24 -0.57 -37.48 -37.07
C PRO A 24 -1.72 -38.38 -36.65
N ASN A 25 -2.33 -38.11 -35.49
CA ASN A 25 -3.44 -38.92 -35.01
C ASN A 25 -4.77 -38.54 -35.63
N GLY A 26 -4.78 -37.64 -36.61
CA GLY A 26 -6.00 -37.28 -37.31
C GLY A 26 -6.80 -36.18 -36.68
N ALA A 27 -6.32 -35.57 -35.60
CA ALA A 27 -7.06 -34.52 -34.92
C ALA A 27 -6.88 -33.20 -35.66
N ALA A 28 -7.99 -32.57 -36.04
CA ALA A 28 -7.94 -31.26 -36.68
C ALA A 28 -7.40 -30.22 -35.71
N VAL A 29 -6.61 -29.28 -36.24
CA VAL A 29 -6.02 -28.22 -35.43
C VAL A 29 -6.05 -26.93 -36.24
N ALA A 30 -6.72 -25.91 -35.70
CA ALA A 30 -6.80 -24.61 -36.34
C ALA A 30 -6.11 -23.57 -35.48
N THR A 31 -5.23 -22.80 -36.09
CA THR A 31 -4.49 -21.74 -35.41
C THR A 31 -4.86 -20.38 -36.00
N PHE A 32 -4.73 -19.35 -35.18
CA PHE A 32 -4.99 -17.99 -35.62
C PHE A 32 -4.45 -17.03 -34.56
N THR A 33 -4.19 -15.80 -34.98
CA THR A 33 -3.71 -14.75 -34.11
C THR A 33 -4.81 -13.73 -33.89
N LEU A 34 -4.97 -13.32 -32.63
CA LEU A 34 -6.08 -12.47 -32.22
C LEU A 34 -5.53 -11.11 -31.78
N ALA A 35 -6.00 -10.05 -32.45
CA ALA A 35 -5.63 -8.68 -32.07
C ALA A 35 -6.66 -8.17 -31.06
N VAL A 36 -6.20 -7.91 -29.85
CA VAL A 36 -7.06 -7.52 -28.74
C VAL A 36 -6.64 -6.12 -28.32
N ASN A 37 -7.53 -5.15 -28.53
CA ASN A 37 -7.24 -3.77 -28.16
C ASN A 37 -6.98 -3.66 -26.67
N ARG A 38 -6.05 -2.77 -26.30
CA ARG A 38 -5.74 -2.55 -24.90
C ARG A 38 -6.78 -1.60 -24.28
N THR A 39 -6.88 -1.67 -22.95
CA THR A 39 -7.82 -0.82 -22.23
C THR A 39 -7.38 0.64 -22.28
N PHE A 40 -6.17 0.92 -21.80
CA PHE A 40 -5.66 2.28 -21.72
C PHE A 40 -5.23 2.76 -23.11
N THR A 41 -4.81 4.03 -23.17
CA THR A 41 -4.32 4.64 -24.39
C THR A 41 -2.97 5.29 -24.11
N ASN A 42 -2.04 5.13 -25.05
CA ASN A 42 -0.67 5.61 -24.89
C ASN A 42 -0.42 6.81 -25.79
N GLN A 43 0.44 7.70 -25.32
CA GLN A 43 0.83 8.89 -26.09
C GLN A 43 -0.40 9.68 -26.53
N GLU A 46 -3.24 7.27 -29.41
CA GLU A 46 -2.88 6.02 -30.07
C GLU A 46 -3.23 4.82 -29.18
N ARG A 47 -4.12 3.97 -29.67
CA ARG A 47 -4.58 2.80 -28.92
C ARG A 47 -3.89 1.55 -29.48
N GLU A 48 -2.94 1.03 -28.72
CA GLU A 48 -2.21 -0.16 -29.15
C GLU A 48 -3.06 -1.41 -28.94
N ALA A 49 -2.54 -2.54 -29.42
CA ALA A 49 -3.23 -3.82 -29.29
C ALA A 49 -2.21 -4.89 -28.96
N ASP A 50 -2.73 -6.04 -28.50
CA ASP A 50 -1.93 -7.21 -28.22
C ASP A 50 -2.28 -8.31 -29.21
N PHE A 51 -1.27 -9.02 -29.67
CA PHE A 51 -1.43 -10.03 -30.71
C PHE A 51 -1.18 -11.39 -30.07
N ILE A 52 -2.25 -12.18 -29.93
CA ILE A 52 -2.25 -13.39 -29.13
C ILE A 52 -2.52 -14.57 -30.04
N ASN A 53 -1.61 -15.53 -30.04
CA ASN A 53 -1.76 -16.75 -30.84
C ASN A 53 -2.68 -17.73 -30.13
N CYS A 54 -3.64 -18.27 -30.86
CA CYS A 54 -4.61 -19.22 -30.32
C CYS A 54 -4.54 -20.53 -31.09
N VAL A 55 -4.97 -21.60 -30.43
CA VAL A 55 -4.98 -22.94 -31.02
CA VAL A 55 -4.98 -22.94 -31.02
C VAL A 55 -6.28 -23.62 -30.60
N THR A 56 -6.97 -24.23 -31.57
CA THR A 56 -8.20 -24.95 -31.34
C THR A 56 -8.08 -26.36 -31.94
N TRP A 57 -8.93 -27.26 -31.43
CA TRP A 57 -8.83 -28.68 -31.75
C TRP A 57 -10.19 -29.27 -32.10
N ARG A 58 -10.19 -30.16 -33.08
CA ARG A 58 -11.33 -31.02 -33.44
C ARG A 58 -12.47 -30.13 -33.96
N ARG A 59 -13.74 -30.40 -33.64
CA ARG A 59 -14.84 -29.63 -34.20
C ARG A 59 -14.65 -28.13 -33.99
N GLN A 60 -14.09 -27.75 -32.84
CA GLN A 60 -13.79 -26.34 -32.61
C GLN A 60 -12.90 -25.80 -33.72
N ALA A 61 -11.84 -26.54 -34.06
CA ALA A 61 -10.96 -26.12 -35.14
C ALA A 61 -11.69 -26.11 -36.48
N GLU A 62 -12.60 -27.06 -36.68
CA GLU A 62 -13.33 -27.12 -37.95
C GLU A 62 -14.30 -25.96 -38.09
N ASN A 63 -15.05 -25.65 -37.02
CA ASN A 63 -15.93 -24.49 -37.06
C ASN A 63 -15.15 -23.21 -37.29
N VAL A 64 -13.97 -23.10 -36.67
CA VAL A 64 -13.12 -21.94 -36.89
C VAL A 64 -12.74 -21.82 -38.36
N ALA A 65 -12.33 -22.93 -38.96
CA ALA A 65 -11.85 -22.90 -40.34
C ALA A 65 -12.95 -22.50 -41.31
N ASN A 66 -14.20 -22.84 -41.01
CA ASN A 66 -15.30 -22.62 -41.94
C ASN A 66 -15.95 -21.24 -41.80
N PHE A 67 -15.93 -20.66 -40.60
CA PHE A 67 -16.72 -19.46 -40.32
C PHE A 67 -15.90 -18.21 -40.01
N LEU A 68 -14.63 -18.35 -39.62
CA LEU A 68 -13.81 -17.21 -39.23
C LEU A 68 -12.81 -16.88 -40.33
N LYS A 69 -12.64 -15.58 -40.58
CA LYS A 69 -11.75 -15.08 -41.62
C LYS A 69 -10.92 -13.94 -41.04
N LYS A 70 -10.02 -13.40 -41.86
CA LYS A 70 -9.28 -12.21 -41.49
C LYS A 70 -10.24 -11.09 -41.11
N GLY A 71 -10.01 -10.47 -39.95
CA GLY A 71 -10.84 -9.39 -39.48
C GLY A 71 -12.10 -9.82 -38.75
N SER A 72 -12.40 -11.12 -38.70
CA SER A 72 -13.58 -11.59 -37.99
C SER A 72 -13.41 -11.41 -36.49
N LEU A 73 -14.50 -11.03 -35.83
CA LEU A 73 -14.50 -10.86 -34.38
C LEU A 73 -14.79 -12.21 -33.73
N ALA A 74 -13.95 -12.59 -32.77
CA ALA A 74 -14.06 -13.89 -32.12
C ALA A 74 -13.70 -13.79 -30.65
N GLY A 75 -14.39 -14.58 -29.83
CA GLY A 75 -14.07 -14.71 -28.42
C GLY A 75 -13.56 -16.11 -28.14
N VAL A 76 -12.59 -16.21 -27.24
CA VAL A 76 -12.00 -17.49 -26.88
C VAL A 76 -12.02 -17.65 -25.37
N ASP A 77 -12.21 -18.89 -24.94
CA ASP A 77 -12.15 -19.28 -23.53
C ASP A 77 -11.26 -20.51 -23.45
N GLY A 78 -10.18 -20.42 -22.66
CA GLY A 78 -9.26 -21.53 -22.57
C GLY A 78 -8.15 -21.35 -21.56
N ARG A 79 -6.95 -21.83 -21.91
CA ARG A 79 -5.82 -21.86 -20.99
C ARG A 79 -4.58 -21.27 -21.67
N LEU A 80 -3.66 -20.79 -20.85
CA LEU A 80 -2.34 -20.38 -21.31
C LEU A 80 -1.42 -21.59 -21.33
N GLN A 81 -0.78 -21.82 -22.48
CA GLN A 81 0.15 -22.93 -22.64
C GLN A 81 1.44 -22.42 -23.26
N THR A 82 2.55 -23.04 -22.88
CA THR A 82 3.86 -22.68 -23.38
C THR A 82 4.49 -23.86 -24.10
N ARG A 83 5.28 -23.55 -25.14
CA ARG A 83 6.03 -24.54 -25.91
C ARG A 83 7.48 -24.11 -26.02
N ASN A 84 8.06 -23.67 -24.91
CA ASN A 84 9.43 -23.19 -24.90
C ASN A 84 10.38 -24.28 -25.39
N TYR A 85 11.39 -23.86 -26.16
CA TYR A 85 12.43 -24.75 -26.66
C TYR A 85 13.78 -24.05 -26.56
N GLU A 86 14.82 -24.74 -26.99
CA GLU A 86 16.18 -24.20 -26.99
C GLU A 86 16.75 -24.34 -28.40
N ASN A 87 17.31 -23.25 -28.92
CA ASN A 87 17.82 -23.24 -30.29
C ASN A 87 19.17 -23.95 -30.38
N PHE A 94 11.18 -18.98 -25.88
CA PHE A 94 9.92 -19.36 -25.25
C PHE A 94 8.72 -18.96 -26.10
N VAL A 95 7.72 -19.83 -26.12
CA VAL A 95 6.47 -19.59 -26.84
C VAL A 95 5.32 -19.65 -25.86
N THR A 96 4.35 -18.76 -26.03
CA THR A 96 3.13 -18.77 -25.23
C THR A 96 1.94 -18.59 -26.16
N GLU A 97 0.90 -19.39 -25.92
CA GLU A 97 -0.28 -19.38 -26.77
C GLU A 97 -1.50 -19.75 -25.95
N VAL A 98 -2.67 -19.40 -26.48
CA VAL A 98 -3.95 -19.70 -25.85
C VAL A 98 -4.49 -20.99 -26.43
N GLN A 99 -4.68 -21.99 -25.57
CA GLN A 99 -5.35 -23.23 -25.93
C GLN A 99 -6.84 -23.00 -25.70
N ALA A 100 -7.57 -22.72 -26.78
CA ALA A 100 -8.97 -22.33 -26.69
C ALA A 100 -9.85 -23.56 -26.73
N GLU A 101 -10.53 -23.83 -25.62
CA GLU A 101 -11.51 -24.92 -25.55
C GLU A 101 -12.90 -24.48 -25.96
N SER A 102 -13.14 -23.18 -26.11
CA SER A 102 -14.41 -22.67 -26.60
C SER A 102 -14.14 -21.43 -27.43
N VAL A 103 -14.84 -21.33 -28.56
CA VAL A 103 -14.74 -20.17 -29.45
C VAL A 103 -16.16 -19.70 -29.77
N GLN A 104 -16.42 -18.42 -29.52
CA GLN A 104 -17.70 -17.81 -29.88
C GLN A 104 -17.52 -17.00 -31.15
N PHE A 105 -18.47 -17.16 -32.07
CA PHE A 105 -18.49 -16.39 -33.32
C PHE A 105 -19.40 -15.19 -33.11
N LEU A 106 -18.81 -14.01 -32.97
CA LEU A 106 -19.55 -12.80 -32.67
C LEU A 106 -20.04 -12.07 -33.91
N GLU A 107 -19.97 -12.72 -35.07
CA GLU A 107 -20.47 -12.15 -36.32
C GLU A 107 -21.14 -13.26 -37.11
N PRO A 108 -22.08 -12.91 -38.00
CA PRO A 108 -22.75 -13.94 -38.81
C PRO A 108 -22.02 -14.25 -40.11
N HIS B 3 -10.79 -1.77 -24.90
CA HIS B 3 -11.93 -1.77 -25.85
C HIS B 3 -12.49 -3.19 -26.01
N MET B 4 -11.64 -4.19 -25.79
CA MET B 4 -12.01 -5.58 -25.96
C MET B 4 -11.66 -6.37 -24.70
N LEU B 5 -12.35 -7.50 -24.54
CA LEU B 5 -12.18 -8.30 -23.33
C LEU B 5 -10.82 -9.00 -23.33
N ASN B 6 -10.19 -8.98 -22.16
CA ASN B 6 -8.88 -9.59 -21.99
C ASN B 6 -8.70 -9.87 -20.49
N ARG B 7 -8.81 -11.13 -20.09
CA ARG B 7 -8.76 -11.48 -18.68
C ARG B 7 -8.03 -12.80 -18.49
N VAL B 8 -7.04 -12.79 -17.60
CA VAL B 8 -6.26 -13.97 -17.26
C VAL B 8 -6.34 -14.17 -15.75
N VAL B 9 -6.54 -15.41 -15.33
CA VAL B 9 -6.47 -15.78 -13.92
C VAL B 9 -5.63 -17.05 -13.82
N LEU B 10 -4.57 -17.00 -13.01
CA LEU B 10 -3.65 -18.11 -12.84
C LEU B 10 -3.41 -18.34 -11.36
N VAL B 11 -3.12 -19.59 -11.01
CA VAL B 11 -2.63 -19.95 -9.69
C VAL B 11 -1.58 -21.02 -9.88
N GLY B 12 -0.37 -20.76 -9.42
CA GLY B 12 0.73 -21.68 -9.57
C GLY B 12 1.76 -21.42 -8.50
N ARG B 13 3.01 -21.76 -8.80
CA ARG B 13 4.11 -21.59 -7.87
C ARG B 13 5.28 -20.95 -8.58
N LEU B 14 5.90 -19.97 -7.93
CA LEU B 14 7.04 -19.28 -8.53
C LEU B 14 8.19 -20.25 -8.78
N THR B 15 8.78 -20.15 -9.96
CA THR B 15 9.94 -20.97 -10.30
C THR B 15 11.23 -20.43 -9.72
N LYS B 16 11.28 -19.14 -9.38
CA LYS B 16 12.47 -18.52 -8.81
C LYS B 16 12.01 -17.37 -7.92
N ASP B 17 12.98 -16.75 -7.26
CA ASP B 17 12.66 -15.57 -6.46
C ASP B 17 12.25 -14.42 -7.40
N PRO B 18 11.28 -13.60 -7.00
CA PRO B 18 10.89 -12.48 -7.85
C PRO B 18 11.99 -11.44 -7.96
N GLU B 19 12.02 -10.76 -9.11
CA GLU B 19 12.95 -9.66 -9.36
C GLU B 19 12.20 -8.35 -9.19
N LEU B 20 12.72 -7.48 -8.32
CA LEU B 20 12.12 -6.18 -8.06
C LEU B 20 13.04 -5.07 -8.54
N ARG B 21 12.45 -4.00 -9.05
CA ARG B 21 13.21 -2.81 -9.43
C ARG B 21 12.24 -1.64 -9.47
N TYR B 22 12.77 -0.45 -9.16
CA TYR B 22 12.01 0.78 -9.20
C TYR B 22 12.44 1.61 -10.39
N THR B 23 11.47 2.14 -11.15
CA THR B 23 11.79 3.09 -12.19
C THR B 23 12.36 4.35 -11.56
N PRO B 24 13.13 5.15 -12.31
CA PRO B 24 13.70 6.37 -11.73
C PRO B 24 12.65 7.28 -11.10
N ASN B 25 11.41 7.23 -11.58
CA ASN B 25 10.34 8.03 -11.00
C ASN B 25 9.71 7.37 -9.77
N GLY B 26 10.12 6.15 -9.43
CA GLY B 26 9.67 5.50 -8.22
C GLY B 26 8.62 4.42 -8.40
N ALA B 27 8.28 4.06 -9.64
CA ALA B 27 7.30 3.01 -9.87
C ALA B 27 7.96 1.65 -9.66
N ALA B 28 7.43 0.87 -8.73
CA ALA B 28 7.91 -0.48 -8.50
C ALA B 28 7.39 -1.43 -9.57
N VAL B 29 8.27 -2.29 -10.06
CA VAL B 29 7.91 -3.30 -11.05
CA VAL B 29 7.93 -3.29 -11.06
C VAL B 29 8.57 -4.61 -10.63
N ALA B 30 7.74 -5.65 -10.47
CA ALA B 30 8.22 -6.96 -10.05
C ALA B 30 7.84 -7.99 -11.11
N THR B 31 8.77 -8.90 -11.39
CA THR B 31 8.57 -9.96 -12.35
C THR B 31 8.79 -11.32 -11.69
N PHE B 32 8.08 -12.32 -12.19
CA PHE B 32 8.25 -13.69 -11.74
C PHE B 32 7.63 -14.61 -12.77
N THR B 33 7.97 -15.90 -12.66
CA THR B 33 7.47 -16.93 -13.57
C THR B 33 6.66 -17.94 -12.77
N LEU B 34 5.43 -18.17 -13.19
CA LEU B 34 4.53 -19.11 -12.52
C LEU B 34 4.52 -20.43 -13.25
N ALA B 35 4.84 -21.50 -12.54
CA ALA B 35 4.69 -22.86 -13.05
C ALA B 35 3.30 -23.35 -12.67
N VAL B 36 2.50 -23.71 -13.67
CA VAL B 36 1.14 -24.19 -13.48
C VAL B 36 1.06 -25.60 -14.05
N ASN B 37 0.80 -26.57 -13.17
CA ASN B 37 0.75 -27.97 -13.59
C ASN B 37 -0.57 -28.26 -14.30
N ARG B 38 -0.49 -29.15 -15.30
CA ARG B 38 -1.67 -29.63 -16.00
C ARG B 38 -2.14 -30.93 -15.36
N THR B 39 -2.95 -31.70 -16.08
CA THR B 39 -3.33 -33.04 -15.66
C THR B 39 -3.21 -34.02 -16.82
N GLY B 45 2.44 -38.35 -21.80
CA GLY B 45 3.06 -37.99 -23.06
C GLY B 45 3.05 -36.50 -23.33
N GLU B 46 1.90 -35.87 -23.11
CA GLU B 46 1.75 -34.45 -23.35
C GLU B 46 2.55 -33.65 -22.32
N ARG B 47 2.45 -32.32 -22.41
CA ARG B 47 3.13 -31.45 -21.47
C ARG B 47 2.55 -31.62 -20.07
N GLU B 48 3.41 -31.44 -19.07
CA GLU B 48 3.01 -31.63 -17.68
C GLU B 48 2.79 -30.31 -16.94
N ALA B 49 3.35 -29.20 -17.43
CA ALA B 49 3.19 -27.92 -16.77
C ALA B 49 3.45 -26.80 -17.77
N ASP B 50 2.99 -25.61 -17.42
CA ASP B 50 3.21 -24.41 -18.21
C ASP B 50 3.87 -23.35 -17.33
N PHE B 51 4.65 -22.48 -17.96
CA PHE B 51 5.48 -21.50 -17.25
C PHE B 51 5.15 -20.12 -17.79
N ILE B 52 4.44 -19.32 -17.01
CA ILE B 52 3.90 -18.04 -17.45
CA ILE B 52 3.90 -18.04 -17.44
C ILE B 52 4.69 -16.92 -16.77
N ASN B 53 5.18 -15.98 -17.58
CA ASN B 53 5.88 -14.82 -17.04
C ASN B 53 4.87 -13.74 -16.66
N CYS B 54 5.00 -13.23 -15.45
CA CYS B 54 4.07 -12.25 -14.91
C CYS B 54 4.80 -10.96 -14.59
N VAL B 55 4.06 -9.85 -14.69
CA VAL B 55 4.57 -8.52 -14.38
C VAL B 55 3.54 -7.82 -13.50
N THR B 56 4.00 -7.14 -12.45
CA THR B 56 3.12 -6.45 -11.53
C THR B 56 3.77 -5.14 -11.12
N TRP B 57 2.93 -4.19 -10.70
CA TRP B 57 3.34 -2.81 -10.51
C TRP B 57 2.96 -2.30 -9.13
N ARG B 58 3.77 -1.38 -8.64
CA ARG B 58 3.43 -0.52 -7.49
C ARG B 58 3.17 -1.38 -6.26
N ARG B 59 2.09 -1.16 -5.51
CA ARG B 59 1.88 -1.87 -4.26
C ARG B 59 1.87 -3.38 -4.47
N GLN B 60 1.27 -3.85 -5.57
CA GLN B 60 1.26 -5.27 -5.86
C GLN B 60 2.68 -5.80 -6.01
N ALA B 61 3.55 -5.01 -6.65
CA ALA B 61 4.94 -5.44 -6.85
C ALA B 61 5.69 -5.46 -5.53
N GLU B 62 5.44 -4.49 -4.65
CA GLU B 62 6.08 -4.48 -3.35
C GLU B 62 5.59 -5.64 -2.49
N ASN B 63 4.35 -6.08 -2.70
CA ASN B 63 3.87 -7.27 -2.00
C ASN B 63 4.59 -8.52 -2.49
N VAL B 64 4.74 -8.65 -3.81
CA VAL B 64 5.46 -9.80 -4.37
C VAL B 64 6.85 -9.90 -3.77
N ALA B 65 7.58 -8.79 -3.75
CA ALA B 65 8.97 -8.82 -3.32
C ALA B 65 9.10 -9.12 -1.83
N ASN B 66 8.11 -8.72 -1.03
CA ASN B 66 8.21 -8.86 0.41
C ASN B 66 7.66 -10.18 0.93
N PHE B 67 6.86 -10.90 0.15
CA PHE B 67 6.16 -12.08 0.65
C PHE B 67 6.33 -13.33 -0.21
N LEU B 68 6.83 -13.22 -1.45
CA LEU B 68 6.93 -14.36 -2.35
C LEU B 68 8.39 -14.73 -2.58
N LYS B 69 8.64 -16.03 -2.66
CA LYS B 69 9.97 -16.57 -2.92
C LYS B 69 9.80 -17.76 -3.85
N LYS B 70 10.94 -18.36 -4.22
CA LYS B 70 10.92 -19.55 -5.04
C LYS B 70 10.04 -20.62 -4.39
N GLY B 71 9.12 -21.18 -5.17
CA GLY B 71 8.24 -22.23 -4.70
C GLY B 71 6.97 -21.75 -4.02
N SER B 72 6.86 -20.46 -3.73
CA SER B 72 5.66 -19.96 -3.06
C SER B 72 4.45 -20.05 -3.99
N LEU B 73 3.30 -20.34 -3.39
CA LEU B 73 2.05 -20.37 -4.14
C LEU B 73 1.53 -18.94 -4.33
N ALA B 74 1.09 -18.64 -5.55
CA ALA B 74 0.63 -17.30 -5.87
C ALA B 74 -0.48 -17.37 -6.90
N GLY B 75 -1.42 -16.45 -6.81
CA GLY B 75 -2.48 -16.31 -7.79
C GLY B 75 -2.41 -14.95 -8.45
N VAL B 76 -2.73 -14.91 -9.73
CA VAL B 76 -2.67 -13.68 -10.52
C VAL B 76 -4.02 -13.46 -11.18
N ASP B 77 -4.43 -12.20 -11.26
CA ASP B 77 -5.63 -11.77 -11.97
C ASP B 77 -5.24 -10.55 -12.78
N GLY B 78 -5.28 -10.66 -14.12
CA GLY B 78 -4.87 -9.57 -14.96
C GLY B 78 -5.23 -9.75 -16.43
N ARG B 79 -4.38 -9.21 -17.30
CA ARG B 79 -4.60 -9.28 -18.74
CA ARG B 79 -4.61 -9.28 -18.73
C ARG B 79 -3.36 -9.81 -19.44
N LEU B 80 -3.57 -10.38 -20.61
CA LEU B 80 -2.49 -10.93 -21.41
C LEU B 80 -2.01 -9.86 -22.38
N GLN B 81 -0.71 -9.57 -22.33
CA GLN B 81 -0.11 -8.56 -23.20
C GLN B 81 1.16 -9.09 -23.83
N THR B 82 1.49 -8.51 -24.98
CA THR B 82 2.69 -8.86 -25.72
C THR B 82 3.57 -7.63 -25.92
N ARG B 83 4.88 -7.86 -25.98
CA ARG B 83 5.86 -6.83 -26.26
C ARG B 83 6.82 -7.33 -27.33
N ASN B 84 6.26 -7.70 -28.49
CA ASN B 84 7.04 -8.25 -29.57
C ASN B 84 7.95 -7.18 -30.18
N TYR B 85 9.08 -7.62 -30.73
CA TYR B 85 10.07 -6.68 -31.25
C TYR B 85 10.94 -7.41 -32.26
N GLU B 86 11.76 -6.61 -32.96
CA GLU B 86 12.73 -7.10 -33.93
C GLU B 86 14.12 -6.95 -33.32
N ASN B 87 14.86 -8.05 -33.24
CA ASN B 87 16.16 -8.04 -32.59
C ASN B 87 17.22 -7.44 -33.52
N GLN B 88 18.44 -7.35 -33.01
CA GLN B 88 19.53 -6.75 -33.77
C GLN B 88 19.81 -7.48 -35.08
N GLN B 89 19.31 -8.71 -35.22
CA GLN B 89 19.56 -9.53 -36.40
C GLN B 89 18.35 -9.59 -37.33
N GLY B 90 17.44 -8.63 -37.22
CA GLY B 90 16.26 -8.62 -38.07
C GLY B 90 15.28 -9.74 -37.81
N GLN B 91 15.40 -10.43 -36.68
CA GLN B 91 14.51 -11.54 -36.34
C GLN B 91 13.40 -11.04 -35.43
N ARG B 92 12.16 -11.41 -35.75
CA ARG B 92 11.02 -11.08 -34.92
C ARG B 92 11.02 -11.95 -33.67
N VAL B 93 10.97 -11.31 -32.51
CA VAL B 93 10.97 -11.99 -31.22
C VAL B 93 9.61 -11.77 -30.57
N PHE B 94 9.07 -12.84 -29.98
CA PHE B 94 7.74 -12.82 -29.40
C PHE B 94 7.84 -12.86 -27.88
N VAL B 95 7.25 -11.87 -27.23
CA VAL B 95 7.25 -11.75 -25.78
C VAL B 95 5.79 -11.71 -25.32
N THR B 96 5.40 -12.67 -24.49
CA THR B 96 4.05 -12.76 -23.96
C THR B 96 4.13 -12.78 -22.43
N GLU B 97 3.33 -11.95 -21.79
CA GLU B 97 3.39 -11.80 -20.34
CA GLU B 97 3.39 -11.80 -20.34
C GLU B 97 1.98 -11.51 -19.81
N VAL B 98 1.80 -11.80 -18.53
CA VAL B 98 0.57 -11.48 -17.83
C VAL B 98 0.83 -10.22 -17.00
N GLN B 99 0.11 -9.16 -17.29
CA GLN B 99 0.15 -7.95 -16.47
C GLN B 99 -0.79 -8.16 -15.30
N ALA B 100 -0.23 -8.46 -14.14
CA ALA B 100 -1.01 -8.78 -12.95
C ALA B 100 -1.59 -7.51 -12.35
N GLU B 101 -2.90 -7.35 -12.47
CA GLU B 101 -3.58 -6.25 -11.77
C GLU B 101 -3.72 -6.56 -10.29
N SER B 102 -3.85 -7.83 -9.93
CA SER B 102 -3.95 -8.25 -8.53
CA SER B 102 -3.95 -8.25 -8.53
C SER B 102 -3.13 -9.52 -8.36
N VAL B 103 -2.32 -9.55 -7.29
CA VAL B 103 -1.56 -10.73 -6.92
CA VAL B 103 -1.55 -10.73 -6.92
C VAL B 103 -2.05 -11.21 -5.57
N GLN B 104 -2.32 -12.50 -5.47
CA GLN B 104 -2.84 -13.09 -4.25
C GLN B 104 -1.90 -14.18 -3.76
N PHE B 105 -1.72 -14.25 -2.44
CA PHE B 105 -0.79 -15.19 -1.84
C PHE B 105 -1.22 -15.47 -0.41
N LEU B 106 -0.58 -16.46 0.20
CA LEU B 106 -0.88 -16.85 1.56
C LEU B 106 -0.17 -15.92 2.54
N GLU B 107 -0.85 -15.62 3.65
CA GLU B 107 -0.30 -14.74 4.68
C GLU B 107 0.01 -13.36 4.11
N GLY C 1 -7.79 -12.81 5.35
CA GLY C 1 -7.50 -11.49 4.83
C GLY C 1 -6.50 -11.51 3.68
N SER C 2 -6.15 -12.71 3.22
CA SER C 2 -5.22 -12.88 2.12
C SER C 2 -5.71 -14.00 1.22
N HIS C 3 -5.32 -13.92 -0.06
CA HIS C 3 -5.64 -14.96 -1.04
C HIS C 3 -7.12 -14.97 -1.39
N MET C 4 -7.54 -14.00 -2.21
CA MET C 4 -8.93 -13.87 -2.61
C MET C 4 -8.99 -13.40 -4.05
N LEU C 5 -9.71 -14.14 -4.90
CA LEU C 5 -9.91 -13.78 -6.29
C LEU C 5 -11.39 -13.83 -6.62
N ASN C 6 -11.84 -12.90 -7.46
CA ASN C 6 -13.26 -12.81 -7.83
C ASN C 6 -13.32 -12.18 -9.23
N ARG C 7 -13.55 -13.01 -10.24
CA ARG C 7 -13.54 -12.54 -11.62
C ARG C 7 -14.64 -13.22 -12.41
N VAL C 8 -15.44 -12.42 -13.11
CA VAL C 8 -16.52 -12.91 -13.96
CA VAL C 8 -16.50 -12.92 -13.97
C VAL C 8 -16.39 -12.26 -15.33
N VAL C 9 -16.58 -13.05 -16.38
CA VAL C 9 -16.61 -12.57 -17.75
C VAL C 9 -17.80 -13.21 -18.44
N LEU C 10 -18.69 -12.39 -19.00
CA LEU C 10 -19.90 -12.86 -19.64
C LEU C 10 -20.09 -12.14 -20.97
N VAL C 11 -20.73 -12.84 -21.91
CA VAL C 11 -21.27 -12.23 -23.12
C VAL C 11 -22.72 -12.67 -23.25
N GLY C 12 -23.61 -11.72 -23.44
CA GLY C 12 -25.02 -12.03 -23.54
C GLY C 12 -25.78 -10.86 -24.13
N ARG C 13 -27.10 -11.04 -24.25
CA ARG C 13 -27.98 -10.05 -24.82
C ARG C 13 -28.88 -9.47 -23.74
N LEU C 14 -29.07 -8.15 -23.79
CA LEU C 14 -29.93 -7.49 -22.82
C LEU C 14 -31.39 -7.90 -23.03
N THR C 15 -32.01 -8.38 -21.96
CA THR C 15 -33.42 -8.75 -22.01
C THR C 15 -34.34 -7.54 -21.96
N LYS C 16 -33.86 -6.41 -21.45
CA LYS C 16 -34.64 -5.19 -21.38
C LYS C 16 -33.71 -4.01 -21.59
N ASP C 17 -34.31 -2.85 -21.84
CA ASP C 17 -33.52 -1.63 -21.95
C ASP C 17 -32.84 -1.35 -20.62
N PRO C 18 -31.59 -0.89 -20.61
CA PRO C 18 -30.92 -0.60 -19.34
C PRO C 18 -31.60 0.54 -18.60
N GLU C 19 -31.57 0.46 -17.28
CA GLU C 19 -32.16 1.47 -16.41
C GLU C 19 -31.04 2.30 -15.79
N LEU C 20 -31.12 3.62 -15.95
CA LEU C 20 -30.09 4.54 -15.49
C LEU C 20 -30.64 5.36 -14.33
N ARG C 21 -29.94 5.32 -13.19
CA ARG C 21 -30.29 6.09 -12.02
C ARG C 21 -29.06 6.84 -11.53
N TYR C 22 -29.26 7.69 -10.52
CA TYR C 22 -28.18 8.48 -9.95
C TYR C 22 -28.20 8.32 -8.44
N THR C 23 -27.01 8.13 -7.85
CA THR C 23 -26.88 8.01 -6.42
C THR C 23 -27.14 9.36 -5.76
N PRO C 24 -27.33 9.39 -4.44
CA PRO C 24 -27.51 10.68 -3.77
C PRO C 24 -26.35 11.64 -4.00
N ASN C 25 -25.15 11.14 -4.29
CA ASN C 25 -24.00 11.98 -4.53
C ASN C 25 -23.81 12.32 -6.01
N GLY C 26 -24.73 11.91 -6.88
CA GLY C 26 -24.66 12.27 -8.28
C GLY C 26 -23.93 11.29 -9.17
N ALA C 27 -23.58 10.11 -8.65
CA ALA C 27 -22.89 9.11 -9.46
C ALA C 27 -23.90 8.34 -10.31
N ALA C 28 -23.61 8.20 -11.59
CA ALA C 28 -24.47 7.44 -12.48
C ALA C 28 -24.34 5.95 -12.19
N VAL C 29 -25.47 5.25 -12.24
CA VAL C 29 -25.52 3.81 -12.01
CA VAL C 29 -25.52 3.81 -12.00
C VAL C 29 -26.54 3.22 -12.97
N ALA C 30 -26.11 2.22 -13.74
CA ALA C 30 -26.97 1.58 -14.72
C ALA C 30 -27.07 0.08 -14.42
N THR C 31 -28.29 -0.45 -14.52
CA THR C 31 -28.56 -1.86 -14.31
C THR C 31 -29.14 -2.47 -15.57
N PHE C 32 -28.89 -3.76 -15.76
CA PHE C 32 -29.42 -4.47 -16.92
C PHE C 32 -29.22 -5.96 -16.69
N THR C 33 -30.05 -6.75 -17.38
CA THR C 33 -30.02 -8.20 -17.26
C THR C 33 -29.56 -8.79 -18.59
N LEU C 34 -28.65 -9.76 -18.52
CA LEU C 34 -28.11 -10.42 -19.70
C LEU C 34 -28.68 -11.83 -19.82
N ALA C 35 -29.05 -12.19 -21.04
CA ALA C 35 -29.39 -13.57 -21.37
C ALA C 35 -28.13 -14.22 -21.96
N VAL C 36 -27.56 -15.16 -21.21
CA VAL C 36 -26.29 -15.79 -21.58
C VAL C 36 -26.62 -17.22 -22.01
N ASN C 37 -26.51 -17.49 -23.31
CA ASN C 37 -26.88 -18.78 -23.85
C ASN C 37 -25.92 -19.86 -23.36
N ARG C 38 -26.47 -21.07 -23.18
CA ARG C 38 -25.69 -22.23 -22.82
C ARG C 38 -25.25 -23.00 -24.07
N THR C 39 -24.51 -24.08 -23.85
CA THR C 39 -24.04 -24.92 -24.94
C THR C 39 -25.12 -25.92 -25.33
N GLU C 46 -32.03 -28.80 -20.20
CA GLU C 46 -33.18 -28.26 -20.93
C GLU C 46 -33.16 -26.74 -20.95
N ARG C 47 -32.40 -26.14 -20.03
CA ARG C 47 -32.31 -24.69 -19.98
C ARG C 47 -31.38 -24.18 -21.08
N GLU C 48 -31.82 -23.14 -21.79
CA GLU C 48 -31.08 -22.63 -22.95
C GLU C 48 -30.22 -21.43 -22.63
N ALA C 49 -30.57 -20.65 -21.60
CA ALA C 49 -29.79 -19.48 -21.25
C ALA C 49 -30.03 -19.13 -19.79
N ASP C 50 -29.07 -18.41 -19.21
CA ASP C 50 -29.14 -17.97 -17.83
C ASP C 50 -29.34 -16.46 -17.79
N PHE C 51 -30.23 -16.02 -16.91
CA PHE C 51 -30.49 -14.59 -16.71
C PHE C 51 -29.61 -14.07 -15.59
N ILE C 52 -28.75 -13.11 -15.91
CA ILE C 52 -27.76 -12.59 -14.98
C ILE C 52 -27.93 -11.08 -14.88
N ASN C 53 -28.12 -10.57 -13.68
CA ASN C 53 -28.29 -9.15 -13.44
C ASN C 53 -26.92 -8.48 -13.28
N CYS C 54 -26.73 -7.38 -13.99
CA CYS C 54 -25.47 -6.64 -13.99
C CYS C 54 -25.69 -5.22 -13.51
N VAL C 55 -24.61 -4.63 -13.00
CA VAL C 55 -24.61 -3.26 -12.49
CA VAL C 55 -24.61 -3.26 -12.49
C VAL C 55 -23.31 -2.59 -12.91
N THR C 56 -23.40 -1.33 -13.33
CA THR C 56 -22.25 -0.57 -13.79
CA THR C 56 -22.24 -0.58 -13.79
C THR C 56 -22.32 0.84 -13.23
N TRP C 57 -21.16 1.51 -13.21
CA TRP C 57 -21.03 2.81 -12.56
C TRP C 57 -20.37 3.84 -13.47
N ARG C 58 -20.81 5.09 -13.30
CA ARG C 58 -20.13 6.29 -13.81
C ARG C 58 -20.01 6.20 -15.34
N ARG C 59 -18.82 6.37 -15.92
CA ARG C 59 -18.70 6.42 -17.37
C ARG C 59 -19.24 5.15 -18.01
N GLN C 60 -18.97 3.99 -17.41
CA GLN C 60 -19.49 2.74 -17.94
C GLN C 60 -21.02 2.78 -17.95
N ALA C 61 -21.64 3.34 -16.91
CA ALA C 61 -23.10 3.43 -16.87
C ALA C 61 -23.62 4.38 -17.95
N GLU C 62 -22.93 5.51 -18.15
CA GLU C 62 -23.34 6.44 -19.19
C GLU C 62 -23.28 5.78 -20.58
N ASN C 63 -22.20 5.06 -20.85
CA ASN C 63 -22.08 4.40 -22.14
C ASN C 63 -23.16 3.33 -22.33
N VAL C 64 -23.45 2.56 -21.28
CA VAL C 64 -24.50 1.55 -21.36
C VAL C 64 -25.82 2.22 -21.71
N ALA C 65 -26.15 3.33 -21.02
CA ALA C 65 -27.43 3.98 -21.24
C ALA C 65 -27.55 4.56 -22.64
N ASN C 66 -26.44 4.96 -23.24
CA ASN C 66 -26.46 5.60 -24.55
C ASN C 66 -26.43 4.60 -25.70
N PHE C 67 -25.70 3.50 -25.56
CA PHE C 67 -25.39 2.63 -26.68
C PHE C 67 -26.08 1.27 -26.65
N LEU C 68 -26.52 0.81 -25.48
CA LEU C 68 -27.13 -0.50 -25.34
C LEU C 68 -28.64 -0.37 -25.14
N LYS C 69 -29.38 -1.25 -25.79
CA LYS C 69 -30.82 -1.35 -25.61
C LYS C 69 -31.21 -2.83 -25.58
N LYS C 70 -32.50 -3.09 -25.41
CA LYS C 70 -33.01 -4.45 -25.44
C LYS C 70 -32.55 -5.16 -26.71
N GLY C 71 -32.01 -6.37 -26.54
CA GLY C 71 -31.51 -7.14 -27.65
C GLY C 71 -30.05 -6.89 -28.00
N SER C 72 -29.43 -5.87 -27.40
CA SER C 72 -28.04 -5.56 -27.71
C SER C 72 -27.11 -6.62 -27.13
N LEU C 73 -26.12 -7.02 -27.92
CA LEU C 73 -25.09 -7.93 -27.44
C LEU C 73 -24.04 -7.15 -26.68
N ALA C 74 -23.71 -7.63 -25.47
CA ALA C 74 -22.77 -6.93 -24.61
C ALA C 74 -21.85 -7.94 -23.93
N GLY C 75 -20.63 -7.49 -23.67
CA GLY C 75 -19.66 -8.26 -22.90
C GLY C 75 -19.36 -7.52 -21.61
N VAL C 76 -19.22 -8.26 -20.51
CA VAL C 76 -18.98 -7.70 -19.20
CA VAL C 76 -18.98 -7.68 -19.20
C VAL C 76 -17.79 -8.39 -18.56
N ASP C 77 -16.96 -7.61 -17.87
CA ASP C 77 -15.84 -8.11 -17.09
C ASP C 77 -15.91 -7.46 -15.73
N GLY C 78 -16.05 -8.26 -14.68
CA GLY C 78 -16.16 -7.71 -13.35
C GLY C 78 -16.10 -8.73 -12.23
N ARG C 79 -16.91 -8.51 -11.19
CA ARG C 79 -16.87 -9.30 -9.96
C ARG C 79 -18.27 -9.77 -9.61
N LEU C 80 -18.34 -10.92 -8.92
CA LEU C 80 -19.59 -11.39 -8.35
C LEU C 80 -19.80 -10.73 -6.99
N GLN C 81 -21.00 -10.18 -6.79
CA GLN C 81 -21.34 -9.57 -5.51
C GLN C 81 -22.73 -10.01 -5.08
N THR C 82 -22.94 -10.06 -3.77
CA THR C 82 -24.19 -10.51 -3.19
C THR C 82 -24.72 -9.45 -2.25
N ARG C 83 -26.06 -9.30 -2.23
CA ARG C 83 -26.75 -8.35 -1.36
C ARG C 83 -27.97 -9.05 -0.75
N ASN C 84 -27.70 -10.04 0.09
CA ASN C 84 -28.76 -10.82 0.73
C ASN C 84 -29.39 -10.02 1.87
N TYR C 85 -30.67 -10.26 2.12
CA TYR C 85 -31.41 -9.54 3.16
C TYR C 85 -32.57 -10.39 3.65
N GLU C 86 -33.31 -9.83 4.61
CA GLU C 86 -34.48 -10.46 5.20
C GLU C 86 -35.71 -9.63 4.84
N ASN C 87 -36.71 -10.28 4.24
CA ASN C 87 -37.86 -9.53 3.74
C ASN C 87 -38.88 -9.30 4.86
N GLN C 88 -40.00 -8.67 4.49
CA GLN C 88 -41.00 -8.31 5.48
C GLN C 88 -41.51 -9.52 6.24
N GLN C 89 -41.50 -10.69 5.62
CA GLN C 89 -42.06 -11.90 6.22
C GLN C 89 -41.02 -12.72 6.98
N GLY C 90 -39.80 -12.20 7.15
CA GLY C 90 -38.80 -12.85 7.97
C GLY C 90 -37.96 -13.91 7.30
N GLN C 91 -38.07 -14.07 5.98
CA GLN C 91 -37.33 -15.10 5.25
C GLN C 91 -36.18 -14.45 4.49
N ARG C 92 -35.01 -15.10 4.55
CA ARG C 92 -33.82 -14.62 3.85
C ARG C 92 -33.98 -14.79 2.35
N VAL C 93 -33.74 -13.72 1.60
CA VAL C 93 -33.72 -13.76 0.14
C VAL C 93 -32.29 -13.43 -0.31
N PHE C 94 -31.79 -14.21 -1.25
CA PHE C 94 -30.42 -14.07 -1.72
C PHE C 94 -30.39 -13.31 -3.04
N VAL C 95 -29.45 -12.37 -3.13
CA VAL C 95 -29.28 -11.53 -4.31
C VAL C 95 -27.87 -11.73 -4.83
N THR C 96 -27.75 -12.02 -6.14
CA THR C 96 -26.47 -12.18 -6.80
C THR C 96 -26.47 -11.31 -8.04
N GLU C 97 -25.39 -10.57 -8.25
CA GLU C 97 -25.28 -9.68 -9.40
C GLU C 97 -23.82 -9.52 -9.77
N VAL C 98 -23.59 -9.08 -11.00
CA VAL C 98 -22.26 -8.84 -11.53
C VAL C 98 -21.98 -7.34 -11.46
N GLN C 99 -20.95 -6.97 -10.69
CA GLN C 99 -20.42 -5.60 -10.71
C GLN C 99 -19.42 -5.53 -11.85
N ALA C 100 -19.87 -4.99 -12.99
CA ALA C 100 -19.05 -4.97 -14.18
C ALA C 100 -18.08 -3.80 -14.13
N GLU C 101 -16.78 -4.10 -14.17
CA GLU C 101 -15.77 -3.06 -14.24
C GLU C 101 -15.66 -2.47 -15.64
N SER C 102 -15.92 -3.27 -16.67
CA SER C 102 -15.88 -2.80 -18.04
C SER C 102 -16.98 -3.48 -18.84
N VAL C 103 -17.55 -2.74 -19.78
CA VAL C 103 -18.60 -3.23 -20.66
C VAL C 103 -18.14 -3.03 -22.08
N GLN C 104 -18.04 -4.13 -22.83
CA GLN C 104 -17.72 -4.06 -24.25
C GLN C 104 -19.00 -4.05 -25.06
N PHE C 105 -19.09 -3.12 -26.00
CA PHE C 105 -20.23 -3.01 -26.90
C PHE C 105 -19.82 -3.65 -28.23
N LEU C 106 -20.41 -4.79 -28.54
CA LEU C 106 -20.02 -5.59 -29.70
C LEU C 106 -20.78 -5.21 -30.96
N GLU C 107 -21.53 -4.11 -30.93
CA GLU C 107 -22.25 -3.62 -32.10
C GLU C 107 -22.21 -2.10 -32.14
N PRO C 108 -21.03 -1.47 -32.07
CA PRO C 108 -20.99 0.00 -32.08
C PRO C 108 -21.02 0.59 -33.48
N HIS D 3 -23.27 -20.99 -28.22
CA HIS D 3 -23.11 -20.58 -26.84
C HIS D 3 -22.33 -19.26 -26.75
N MET D 4 -22.41 -18.63 -25.58
CA MET D 4 -21.73 -17.37 -25.33
C MET D 4 -20.76 -17.53 -24.17
N LEU D 5 -19.86 -16.56 -24.04
CA LEU D 5 -18.84 -16.63 -23.00
C LEU D 5 -19.47 -16.53 -21.63
N ASN D 6 -19.01 -17.38 -20.72
CA ASN D 6 -19.50 -17.38 -19.35
C ASN D 6 -18.43 -18.10 -18.51
N ARG D 7 -17.62 -17.31 -17.81
CA ARG D 7 -16.50 -17.87 -17.04
C ARG D 7 -16.43 -17.17 -15.70
N VAL D 8 -16.31 -17.96 -14.63
CA VAL D 8 -16.16 -17.45 -13.28
C VAL D 8 -14.96 -18.14 -12.66
N VAL D 9 -14.09 -17.35 -12.02
CA VAL D 9 -12.98 -17.88 -11.25
C VAL D 9 -13.02 -17.23 -9.88
N LEU D 10 -13.07 -18.06 -8.83
CA LEU D 10 -13.14 -17.58 -7.45
C LEU D 10 -12.08 -18.28 -6.62
N VAL D 11 -11.59 -17.57 -5.61
CA VAL D 11 -10.79 -18.16 -4.55
C VAL D 11 -11.30 -17.58 -3.24
N GLY D 12 -11.70 -18.45 -2.32
CA GLY D 12 -12.26 -18.00 -1.07
C GLY D 12 -12.23 -19.09 -0.01
N ARG D 13 -13.02 -18.85 1.04
CA ARG D 13 -13.08 -19.74 2.19
C ARG D 13 -14.51 -20.24 2.35
N LEU D 14 -14.67 -21.56 2.52
CA LEU D 14 -15.98 -22.12 2.77
C LEU D 14 -16.55 -21.58 4.08
N THR D 15 -17.81 -21.17 4.06
CA THR D 15 -18.47 -20.69 5.27
C THR D 15 -18.96 -21.83 6.13
N LYS D 16 -19.31 -22.96 5.52
CA LYS D 16 -19.81 -24.13 6.24
C LYS D 16 -19.17 -25.37 5.64
N ASP D 17 -19.41 -26.50 6.28
CA ASP D 17 -19.01 -27.77 5.69
C ASP D 17 -19.79 -27.97 4.38
N PRO D 18 -19.18 -28.52 3.35
CA PRO D 18 -19.92 -28.78 2.12
C PRO D 18 -21.04 -29.78 2.35
N GLU D 19 -22.07 -29.70 1.52
CA GLU D 19 -23.24 -30.56 1.61
C GLU D 19 -23.23 -31.52 0.42
N LEU D 20 -23.17 -32.82 0.71
CA LEU D 20 -23.10 -33.85 -0.31
C LEU D 20 -24.47 -34.50 -0.48
N ARG D 21 -25.01 -34.44 -1.70
CA ARG D 21 -26.29 -35.06 -2.02
C ARG D 21 -26.09 -35.99 -3.21
N TYR D 22 -27.10 -36.81 -3.49
CA TYR D 22 -27.08 -37.75 -4.59
C TYR D 22 -28.38 -37.65 -5.38
N THR D 23 -28.27 -37.90 -6.69
CA THR D 23 -29.42 -37.88 -7.58
C THR D 23 -29.98 -39.29 -7.73
N PRO D 24 -31.22 -39.40 -8.24
CA PRO D 24 -31.80 -40.75 -8.40
C PRO D 24 -30.90 -41.74 -9.13
N ASN D 25 -30.14 -41.29 -10.11
CA ASN D 25 -29.24 -42.16 -10.84
C ASN D 25 -27.86 -42.26 -10.20
N GLY D 26 -27.69 -41.78 -8.97
CA GLY D 26 -26.49 -42.00 -8.23
C GLY D 26 -25.35 -41.05 -8.51
N ALA D 27 -25.63 -39.87 -9.04
CA ALA D 27 -24.60 -38.87 -9.30
C ALA D 27 -24.42 -38.00 -8.07
N ALA D 28 -23.18 -37.89 -7.60
CA ALA D 28 -22.87 -37.06 -6.43
C ALA D 28 -22.96 -35.59 -6.79
N VAL D 29 -23.51 -34.79 -5.88
CA VAL D 29 -23.64 -33.35 -6.06
C VAL D 29 -23.28 -32.68 -4.74
N ALA D 30 -22.30 -31.78 -4.78
CA ALA D 30 -21.82 -31.08 -3.60
C ALA D 30 -22.05 -29.60 -3.75
N THR D 31 -22.63 -28.98 -2.73
CA THR D 31 -22.85 -27.53 -2.69
C THR D 31 -22.05 -26.94 -1.54
N PHE D 32 -21.62 -25.68 -1.73
CA PHE D 32 -20.92 -24.97 -0.67
C PHE D 32 -20.95 -23.48 -1.00
N THR D 33 -20.64 -22.67 0.00
CA THR D 33 -20.63 -21.23 -0.12
C THR D 33 -19.22 -20.71 0.14
N LEU D 34 -18.71 -19.89 -0.78
CA LEU D 34 -17.39 -19.30 -0.65
C LEU D 34 -17.50 -17.87 -0.15
N ALA D 35 -16.77 -17.56 0.91
CA ALA D 35 -16.62 -16.19 1.39
C ALA D 35 -15.43 -15.57 0.67
N VAL D 36 -15.68 -14.51 -0.09
CA VAL D 36 -14.65 -13.85 -0.90
C VAL D 36 -14.60 -12.40 -0.45
N ASN D 37 -13.48 -12.00 0.16
CA ASN D 37 -13.34 -10.63 0.62
C ASN D 37 -13.32 -9.66 -0.55
N ARG D 38 -14.05 -8.56 -0.40
CA ARG D 38 -14.04 -7.51 -1.42
C ARG D 38 -12.71 -6.75 -1.37
N THR D 39 -12.44 -6.03 -2.45
CA THR D 39 -11.21 -5.24 -2.56
C THR D 39 -11.43 -3.85 -1.99
N GLU D 48 -15.61 -6.61 4.72
CA GLU D 48 -16.74 -6.85 3.84
C GLU D 48 -16.39 -7.93 2.83
N ALA D 49 -17.30 -8.89 2.65
CA ALA D 49 -17.06 -10.03 1.77
C ALA D 49 -18.35 -10.39 1.04
N ASP D 50 -18.20 -11.20 0.00
CA ASP D 50 -19.33 -11.74 -0.75
C ASP D 50 -19.42 -13.24 -0.49
N PHE D 51 -20.65 -13.76 -0.50
CA PHE D 51 -20.94 -15.14 -0.14
C PHE D 51 -21.59 -15.79 -1.35
N ILE D 52 -20.80 -16.53 -2.13
CA ILE D 52 -21.21 -17.03 -3.43
C ILE D 52 -21.49 -18.52 -3.31
N ASN D 53 -22.66 -18.94 -3.79
CA ASN D 53 -23.03 -20.34 -3.76
C ASN D 53 -22.44 -21.07 -4.95
N CYS D 54 -21.81 -22.22 -4.68
CA CYS D 54 -21.17 -23.04 -5.70
C CYS D 54 -21.79 -24.43 -5.70
N VAL D 55 -21.74 -25.07 -6.86
CA VAL D 55 -22.23 -26.44 -7.03
C VAL D 55 -21.25 -27.18 -7.93
N THR D 56 -21.01 -28.45 -7.61
CA THR D 56 -20.13 -29.28 -8.41
C THR D 56 -20.66 -30.71 -8.39
N TRP D 57 -20.18 -31.53 -9.32
CA TRP D 57 -20.77 -32.83 -9.60
C TRP D 57 -19.71 -33.93 -9.65
N ARG D 58 -20.14 -35.14 -9.30
CA ARG D 58 -19.43 -36.38 -9.60
C ARG D 58 -18.05 -36.34 -8.95
N ARG D 59 -16.96 -36.66 -9.67
CA ARG D 59 -15.65 -36.76 -9.05
C ARG D 59 -15.29 -35.50 -8.27
N GLN D 60 -15.55 -34.33 -8.85
CA GLN D 60 -15.29 -33.08 -8.14
C GLN D 60 -16.11 -33.01 -6.85
N ALA D 61 -17.37 -33.42 -6.91
CA ALA D 61 -18.21 -33.41 -5.71
C ALA D 61 -17.65 -34.31 -4.63
N GLU D 62 -17.20 -35.51 -5.01
CA GLU D 62 -16.63 -36.43 -4.02
C GLU D 62 -15.38 -35.85 -3.39
N ASN D 63 -14.55 -35.16 -4.18
CA ASN D 63 -13.36 -34.53 -3.64
C ASN D 63 -13.72 -33.44 -2.63
N VAL D 64 -14.71 -32.61 -2.97
CA VAL D 64 -15.14 -31.55 -2.05
C VAL D 64 -15.59 -32.16 -0.73
N ALA D 65 -16.34 -33.26 -0.78
CA ALA D 65 -16.97 -33.80 0.41
C ALA D 65 -15.92 -34.29 1.42
N ASN D 66 -14.89 -34.99 0.95
CA ASN D 66 -13.91 -35.60 1.85
C ASN D 66 -12.56 -34.89 1.80
N PHE D 67 -12.56 -33.57 1.60
CA PHE D 67 -11.33 -32.80 1.67
C PHE D 67 -11.56 -31.37 2.18
N LEU D 68 -12.76 -30.84 1.96
CA LEU D 68 -13.06 -29.46 2.32
C LEU D 68 -14.02 -29.42 3.51
N LYS D 69 -13.78 -28.48 4.41
CA LYS D 69 -14.63 -28.27 5.58
C LYS D 69 -14.80 -26.77 5.78
N LYS D 70 -15.48 -26.40 6.87
CA LYS D 70 -15.63 -25.00 7.21
C LYS D 70 -14.27 -24.32 7.28
N GLY D 71 -14.14 -23.19 6.59
CA GLY D 71 -12.91 -22.42 6.63
C GLY D 71 -11.83 -22.87 5.67
N SER D 72 -12.02 -23.96 4.95
CA SER D 72 -11.03 -24.43 4.01
C SER D 72 -10.90 -23.46 2.84
N LEU D 73 -9.68 -23.30 2.34
CA LEU D 73 -9.44 -22.49 1.16
C LEU D 73 -9.74 -23.33 -0.08
N ALA D 74 -10.45 -22.73 -1.04
CA ALA D 74 -10.85 -23.46 -2.23
C ALA D 74 -10.88 -22.51 -3.43
N GLY D 75 -10.36 -22.98 -4.55
CA GLY D 75 -10.46 -22.28 -5.82
C GLY D 75 -11.50 -22.94 -6.69
N VAL D 76 -12.26 -22.11 -7.42
CA VAL D 76 -13.35 -22.57 -8.26
C VAL D 76 -13.17 -21.98 -9.65
N ASP D 77 -13.31 -22.83 -10.66
CA ASP D 77 -13.31 -22.41 -12.06
C ASP D 77 -14.56 -22.97 -12.70
N GLY D 78 -15.46 -22.09 -13.15
CA GLY D 78 -16.71 -22.56 -13.70
C GLY D 78 -17.52 -21.50 -14.43
N ARG D 79 -18.84 -21.65 -14.36
CA ARG D 79 -19.77 -20.81 -15.09
C ARG D 79 -20.88 -20.36 -14.17
N LEU D 80 -21.39 -19.15 -14.41
CA LEU D 80 -22.47 -18.59 -13.62
C LEU D 80 -23.80 -19.08 -14.20
N GLN D 81 -24.57 -19.80 -13.40
CA GLN D 81 -25.80 -20.42 -13.88
C GLN D 81 -26.89 -20.28 -12.82
N THR D 82 -28.12 -20.51 -13.28
CA THR D 82 -29.29 -20.58 -12.42
C THR D 82 -29.82 -22.00 -12.40
N ARG D 83 -30.54 -22.34 -11.33
CA ARG D 83 -30.98 -23.71 -11.13
C ARG D 83 -32.34 -23.72 -10.44
N ASN D 84 -33.02 -24.86 -10.55
CA ASN D 84 -34.30 -25.11 -9.90
C ASN D 84 -34.21 -26.38 -9.08
N TYR D 85 -34.76 -26.33 -7.86
CA TYR D 85 -34.82 -27.51 -7.00
C TYR D 85 -35.82 -27.28 -5.87
N GLU D 86 -36.84 -28.12 -5.78
CA GLU D 86 -37.87 -27.94 -4.77
C GLU D 86 -37.29 -28.12 -3.37
N ASN D 87 -37.83 -27.36 -2.43
CA ASN D 87 -37.38 -27.42 -1.04
C ASN D 87 -37.95 -28.65 -0.34
N GLN D 88 -37.18 -29.19 0.59
CA GLN D 88 -37.58 -30.38 1.33
C GLN D 88 -38.76 -30.06 2.24
N GLN D 91 -42.53 -25.84 -2.32
CA GLN D 91 -42.38 -24.54 -2.96
C GLN D 91 -41.26 -24.58 -4.01
N ARG D 92 -41.44 -23.83 -5.09
CA ARG D 92 -40.41 -23.72 -6.11
C ARG D 92 -39.30 -22.80 -5.62
N VAL D 93 -38.06 -23.28 -5.71
CA VAL D 93 -36.89 -22.53 -5.26
C VAL D 93 -35.98 -22.29 -6.46
N PHE D 94 -35.54 -21.05 -6.62
CA PHE D 94 -34.68 -20.64 -7.71
C PHE D 94 -33.40 -20.04 -7.13
N VAL D 95 -32.25 -20.46 -7.64
CA VAL D 95 -30.96 -20.04 -7.11
CA VAL D 95 -30.96 -20.04 -7.11
C VAL D 95 -30.03 -19.68 -8.26
N THR D 96 -29.11 -18.76 -7.99
CA THR D 96 -28.03 -18.42 -8.90
C THR D 96 -26.74 -18.93 -8.27
N GLU D 97 -26.01 -19.76 -9.00
CA GLU D 97 -24.85 -20.46 -8.44
C GLU D 97 -23.72 -20.45 -9.44
N VAL D 98 -22.52 -20.74 -8.94
CA VAL D 98 -21.36 -20.99 -9.77
C VAL D 98 -21.27 -22.50 -9.97
N GLN D 99 -21.47 -22.94 -11.21
CA GLN D 99 -21.31 -24.36 -11.57
C GLN D 99 -19.82 -24.61 -11.78
N ALA D 100 -19.19 -25.29 -10.82
CA ALA D 100 -17.74 -25.46 -10.81
C ALA D 100 -17.34 -26.63 -11.70
N GLU D 101 -16.65 -26.34 -12.80
CA GLU D 101 -16.07 -27.40 -13.62
C GLU D 101 -14.86 -28.01 -12.92
N SER D 102 -14.11 -27.20 -12.19
CA SER D 102 -12.95 -27.66 -11.44
C SER D 102 -12.94 -26.97 -10.08
N VAL D 103 -12.60 -27.72 -9.04
CA VAL D 103 -12.47 -27.19 -7.69
C VAL D 103 -11.06 -27.49 -7.22
N GLN D 104 -10.32 -26.44 -6.87
CA GLN D 104 -8.93 -26.55 -6.47
C GLN D 104 -8.81 -26.27 -4.98
N PHE D 105 -7.93 -27.00 -4.31
CA PHE D 105 -7.73 -26.83 -2.87
C PHE D 105 -6.30 -27.21 -2.51
N LEU D 106 -5.93 -26.90 -1.28
CA LEU D 106 -4.58 -27.14 -0.79
C LEU D 106 -4.39 -28.61 -0.47
N GLU D 107 -3.25 -29.15 -0.89
CA GLU D 107 -2.88 -30.53 -0.61
C GLU D 107 -3.14 -30.85 0.87
N PRO D 108 -3.96 -31.88 1.19
CA PRO D 108 -4.31 -32.20 2.57
C PRO D 108 -3.13 -32.14 3.54
N HIS E 3 11.66 -0.86 23.50
CA HIS E 3 11.19 0.06 22.43
C HIS E 3 10.54 1.30 23.05
N MET E 4 11.35 2.30 23.36
CA MET E 4 10.89 3.53 23.98
C MET E 4 11.63 4.71 23.38
N LEU E 5 10.97 5.87 23.37
CA LEU E 5 11.53 7.05 22.73
C LEU E 5 10.92 8.30 23.35
N ASN E 6 11.75 9.32 23.53
CA ASN E 6 11.30 10.58 24.13
C ASN E 6 12.28 11.67 23.69
N ARG E 7 11.90 12.45 22.67
CA ARG E 7 12.74 13.51 22.15
C ARG E 7 11.91 14.77 21.96
N VAL E 8 12.46 15.90 22.40
CA VAL E 8 11.83 17.20 22.23
C VAL E 8 12.87 18.18 21.73
N VAL E 9 12.49 19.00 20.75
CA VAL E 9 13.31 20.12 20.30
C VAL E 9 12.44 21.36 20.29
N LEU E 10 12.96 22.44 20.89
CA LEU E 10 12.23 23.70 20.97
C LEU E 10 13.17 24.85 20.72
N VAL E 11 12.63 25.90 20.09
CA VAL E 11 13.29 27.19 20.00
C VAL E 11 12.27 28.24 20.44
N GLY E 12 12.64 29.04 21.43
CA GLY E 12 11.76 30.09 21.91
C GLY E 12 12.53 31.17 22.63
N ARG E 13 11.79 32.13 23.16
CA ARG E 13 12.35 33.23 23.92
C ARG E 13 11.97 33.10 25.38
N LEU E 14 12.94 33.37 26.26
CA LEU E 14 12.68 33.27 27.69
C LEU E 14 11.70 34.36 28.12
N THR E 15 10.71 33.97 28.93
CA THR E 15 9.72 34.92 29.41
C THR E 15 10.26 35.77 30.55
N LYS E 16 11.21 35.24 31.32
CA LYS E 16 11.84 35.97 32.40
C LYS E 16 13.25 35.42 32.58
N ASP E 17 14.00 36.04 33.50
CA ASP E 17 15.37 35.62 33.72
C ASP E 17 15.40 34.18 34.23
N PRO E 18 16.38 33.38 33.83
CA PRO E 18 16.46 32.02 34.37
C PRO E 18 16.84 32.02 35.84
N GLU E 19 16.33 31.03 36.56
CA GLU E 19 16.61 30.86 37.98
C GLU E 19 17.59 29.71 38.17
N LEU E 20 18.72 30.00 38.82
CA LEU E 20 19.74 29.00 39.09
C LEU E 20 19.71 28.65 40.57
N ARG E 21 19.55 27.36 40.86
CA ARG E 21 19.57 26.85 42.23
C ARG E 21 20.56 25.71 42.31
N TYR E 22 20.97 25.40 43.54
CA TYR E 22 21.83 24.27 43.82
C TYR E 22 21.09 23.29 44.71
N THR E 23 21.00 22.04 44.28
CA THR E 23 20.32 21.04 45.06
C THR E 23 21.07 20.79 46.36
N PRO E 24 20.41 20.21 47.37
CA PRO E 24 21.13 19.85 48.60
C PRO E 24 22.36 18.99 48.35
N ASN E 25 22.41 18.25 47.25
CA ASN E 25 23.54 17.39 46.93
C ASN E 25 24.66 18.11 46.18
N GLY E 26 24.46 19.39 45.85
CA GLY E 26 25.50 20.20 45.25
C GLY E 26 25.35 20.43 43.76
N ALA E 27 24.39 19.79 43.11
CA ALA E 27 24.24 19.92 41.67
C ALA E 27 23.50 21.21 41.33
N ALA E 28 23.97 21.87 40.27
CA ALA E 28 23.32 23.08 39.78
C ALA E 28 22.11 22.72 38.94
N VAL E 29 21.04 23.50 39.09
CA VAL E 29 19.80 23.30 38.34
CA VAL E 29 19.81 23.31 38.35
C VAL E 29 19.29 24.67 37.92
N ALA E 30 18.98 24.82 36.64
CA ALA E 30 18.48 26.07 36.09
C ALA E 30 17.10 25.82 35.47
N THR E 31 16.15 26.69 35.78
CA THR E 31 14.80 26.59 35.26
C THR E 31 14.47 27.86 34.48
N PHE E 32 13.67 27.70 33.43
CA PHE E 32 13.24 28.83 32.62
C PHE E 32 12.04 28.41 31.79
N THR E 33 11.32 29.41 31.29
CA THR E 33 10.13 29.20 30.48
C THR E 33 10.34 29.84 29.11
N LEU E 34 10.04 29.08 28.06
CA LEU E 34 10.17 29.57 26.69
C LEU E 34 8.80 29.93 26.14
N ALA E 35 8.72 31.07 25.46
CA ALA E 35 7.56 31.44 24.68
C ALA E 35 7.80 30.98 23.25
N VAL E 36 7.06 29.96 22.82
CA VAL E 36 7.24 29.33 21.52
C VAL E 36 6.07 29.76 20.63
N ASN E 37 6.37 30.60 19.64
CA ASN E 37 5.33 31.16 18.79
C ASN E 37 4.67 30.07 17.94
N ARG E 38 3.36 30.21 17.74
CA ARG E 38 2.64 29.45 16.74
C ARG E 38 2.58 30.27 15.45
N THR E 39 1.99 29.68 14.41
CA THR E 39 1.69 30.39 13.18
C THR E 39 0.24 30.85 13.21
N PHE E 40 0.01 32.12 12.90
CA PHE E 40 -1.34 32.67 12.91
C PHE E 40 -1.39 33.99 12.15
N GLU E 46 -6.30 31.48 18.15
CA GLU E 46 -6.42 32.42 19.25
C GLU E 46 -5.05 32.67 19.91
N ARG E 47 -4.42 31.59 20.36
CA ARG E 47 -3.13 31.71 21.02
C ARG E 47 -2.04 32.02 20.01
N GLU E 48 -1.10 32.89 20.43
CA GLU E 48 0.03 33.27 19.58
C GLU E 48 1.31 32.53 19.94
N ALA E 49 1.41 32.01 21.17
CA ALA E 49 2.62 31.31 21.59
C ALA E 49 2.29 30.46 22.81
N ASP E 50 3.05 29.38 22.97
CA ASP E 50 2.90 28.46 24.09
C ASP E 50 4.04 28.68 25.08
N PHE E 51 3.72 28.58 26.36
CA PHE E 51 4.71 28.74 27.44
C PHE E 51 5.14 27.35 27.89
N ILE E 52 6.40 27.01 27.64
CA ILE E 52 6.95 25.70 27.93
CA ILE E 52 6.95 25.70 27.93
C ILE E 52 8.02 25.86 29.00
N ASN E 53 7.85 25.16 30.12
CA ASN E 53 8.82 25.21 31.21
C ASN E 53 9.97 24.24 30.92
N CYS E 54 11.19 24.71 31.12
CA CYS E 54 12.39 23.93 30.83
C CYS E 54 13.25 23.80 32.07
N VAL E 55 14.04 22.73 32.10
CA VAL E 55 14.94 22.44 33.22
C VAL E 55 16.24 21.90 32.64
N THR E 56 17.35 22.35 33.20
CA THR E 56 18.67 21.89 32.77
C THR E 56 19.59 21.82 33.98
N TRP E 57 20.66 21.04 33.85
CA TRP E 57 21.45 20.62 35.00
C TRP E 57 22.94 20.89 34.78
N ARG E 58 23.63 21.13 35.89
CA ARG E 58 25.11 21.11 35.98
C ARG E 58 25.68 22.16 35.02
N ARG E 59 26.73 21.84 34.27
CA ARG E 59 27.40 22.87 33.47
C ARG E 59 26.44 23.54 32.49
N GLN E 60 25.51 22.76 31.93
CA GLN E 60 24.48 23.34 31.08
C GLN E 60 23.68 24.38 31.84
N ALA E 61 23.37 24.11 33.11
CA ALA E 61 22.63 25.08 33.93
C ALA E 61 23.47 26.32 34.19
N GLU E 62 24.75 26.13 34.51
CA GLU E 62 25.61 27.27 34.80
C GLU E 62 25.75 28.18 33.59
N ASN E 63 25.80 27.60 32.38
CA ASN E 63 25.89 28.42 31.18
C ASN E 63 24.59 29.20 30.94
N VAL E 64 23.44 28.56 31.19
CA VAL E 64 22.17 29.25 31.04
C VAL E 64 22.11 30.48 31.93
N ALA E 65 22.42 30.30 33.22
CA ALA E 65 22.39 31.41 34.16
C ALA E 65 23.34 32.52 33.76
N ASN E 66 24.44 32.18 33.08
CA ASN E 66 25.46 33.16 32.77
C ASN E 66 25.12 33.96 31.52
N PHE E 67 24.51 33.33 30.52
CA PHE E 67 24.32 33.93 29.20
C PHE E 67 22.89 34.35 28.91
N LEU E 68 21.90 33.54 29.28
CA LEU E 68 20.52 33.83 28.89
C LEU E 68 19.86 34.80 29.86
N LYS E 69 19.04 35.69 29.30
CA LYS E 69 18.31 36.69 30.07
C LYS E 69 16.90 36.78 29.52
N LYS E 70 16.06 37.52 30.24
CA LYS E 70 14.69 37.77 29.82
C LYS E 70 14.67 38.26 28.37
N GLY E 71 13.99 37.50 27.50
CA GLY E 71 13.84 37.86 26.11
C GLY E 71 14.83 37.23 25.16
N SER E 72 15.74 36.40 25.66
CA SER E 72 16.77 35.80 24.81
C SER E 72 16.23 34.59 24.07
N LEU E 73 16.60 34.47 22.80
CA LEU E 73 16.22 33.31 22.00
C LEU E 73 17.13 32.14 22.35
N ALA E 74 16.53 30.96 22.54
CA ALA E 74 17.27 29.79 22.97
C ALA E 74 16.74 28.55 22.26
N GLY E 75 17.63 27.61 22.01
CA GLY E 75 17.27 26.34 21.41
C GLY E 75 17.48 25.19 22.36
N VAL E 76 16.45 24.38 22.58
CA VAL E 76 16.47 23.32 23.58
C VAL E 76 16.37 21.98 22.88
N ASP E 77 17.22 21.04 23.29
CA ASP E 77 17.18 19.66 22.83
C ASP E 77 17.15 18.77 24.06
N GLY E 78 16.10 17.97 24.19
CA GLY E 78 15.95 17.15 25.37
C GLY E 78 14.80 16.17 25.35
N ARG E 79 14.21 15.95 26.51
CA ARG E 79 13.16 14.95 26.68
C ARG E 79 12.05 15.52 27.54
N LEU E 80 10.87 14.93 27.41
CA LEU E 80 9.67 15.40 28.08
C LEU E 80 9.46 14.58 29.36
N GLN E 81 9.34 15.26 30.50
CA GLN E 81 9.14 14.60 31.77
CA GLN E 81 9.15 14.61 31.78
C GLN E 81 7.97 15.25 32.51
N THR E 82 7.45 14.54 33.49
CA THR E 82 6.29 14.98 34.24
C THR E 82 6.51 14.80 35.74
N ARG E 83 5.87 15.67 36.52
CA ARG E 83 5.95 15.62 37.98
C ARG E 83 4.55 15.87 38.55
N ASN E 84 3.60 15.04 38.16
CA ASN E 84 2.22 15.20 38.61
C ASN E 84 2.11 15.01 40.12
N TYR E 85 1.14 15.70 40.72
CA TYR E 85 0.97 15.65 42.17
C TYR E 85 -0.47 15.99 42.51
N GLU E 86 -0.84 15.69 43.74
CA GLU E 86 -2.15 16.03 44.29
C GLU E 86 -2.00 17.27 45.16
N ASN E 87 -2.76 18.33 44.85
CA ASN E 87 -2.64 19.56 45.60
C ASN E 87 -3.41 19.46 46.92
N GLN E 88 -3.29 20.49 47.75
CA GLN E 88 -3.93 20.48 49.06
CA GLN E 88 -3.93 20.47 49.06
C GLN E 88 -5.45 20.46 48.97
N GLN E 89 -6.01 20.77 47.81
CA GLN E 89 -7.46 20.74 47.60
C GLN E 89 -7.92 19.44 46.95
N GLY E 90 -7.12 18.37 47.06
CA GLY E 90 -7.51 17.07 46.57
C GLY E 90 -7.56 16.94 45.07
N GLN E 91 -6.99 17.88 44.32
CA GLN E 91 -7.06 17.87 42.86
C GLN E 91 -5.75 17.39 42.27
N ARG E 92 -5.86 16.54 41.25
CA ARG E 92 -4.69 16.06 40.52
C ARG E 92 -4.17 17.16 39.61
N VAL E 93 -2.91 17.54 39.78
CA VAL E 93 -2.28 18.60 39.01
C VAL E 93 -1.24 17.97 38.08
N PHE E 94 -1.32 18.31 36.79
CA PHE E 94 -0.45 17.75 35.78
C PHE E 94 0.69 18.71 35.48
N VAL E 95 1.92 18.28 35.74
CA VAL E 95 3.11 19.09 35.54
C VAL E 95 3.92 18.44 34.43
N THR E 96 4.14 19.17 33.34
CA THR E 96 4.95 18.72 32.22
C THR E 96 6.04 19.73 31.95
N GLU E 97 7.26 19.25 31.73
CA GLU E 97 8.41 20.11 31.50
CA GLU E 97 8.41 20.11 31.50
C GLU E 97 9.40 19.41 30.60
N VAL E 98 10.25 20.20 29.97
CA VAL E 98 11.30 19.70 29.09
C VAL E 98 12.61 19.70 29.89
N GLN E 99 13.22 18.52 30.02
CA GLN E 99 14.54 18.40 30.61
C GLN E 99 15.57 18.53 29.50
N ALA E 100 16.23 19.69 29.43
CA ALA E 100 17.13 20.00 28.33
C ALA E 100 18.46 19.29 28.51
N GLU E 101 18.80 18.41 27.57
CA GLU E 101 20.15 17.86 27.53
C GLU E 101 21.16 18.92 27.09
N SER E 102 20.74 19.82 26.20
CA SER E 102 21.62 20.89 25.74
C SER E 102 20.78 22.13 25.49
N VAL E 103 21.35 23.28 25.81
CA VAL E 103 20.73 24.58 25.55
C VAL E 103 21.70 25.39 24.71
N GLN E 104 21.25 25.85 23.55
CA GLN E 104 22.09 26.58 22.62
C GLN E 104 21.53 27.98 22.42
N PHE E 105 22.44 28.95 22.32
CA PHE E 105 22.09 30.37 22.30
C PHE E 105 22.36 30.96 20.91
N LEU E 106 22.11 32.25 20.79
CA LEU E 106 22.43 32.99 19.56
C LEU E 106 23.53 34.00 19.85
N HIS F 3 6.80 31.96 13.55
CA HIS F 3 6.68 30.50 13.80
C HIS F 3 8.05 29.92 14.17
N MET F 4 8.09 29.17 15.27
CA MET F 4 9.34 28.66 15.81
C MET F 4 9.29 27.14 15.95
N LEU F 5 10.48 26.56 16.14
CA LEU F 5 10.61 25.11 16.14
CA LEU F 5 10.62 25.11 16.15
C LEU F 5 9.97 24.51 17.39
N ASN F 6 9.18 23.45 17.20
CA ASN F 6 8.44 22.81 18.28
C ASN F 6 8.06 21.42 17.80
N ARG F 7 8.83 20.42 18.25
CA ARG F 7 8.67 19.06 17.75
C ARG F 7 8.86 18.05 18.88
N VAL F 8 7.91 17.14 19.01
CA VAL F 8 7.97 16.06 19.99
C VAL F 8 7.73 14.74 19.29
N VAL F 9 8.52 13.73 19.65
CA VAL F 9 8.35 12.37 19.16
CA VAL F 9 8.35 12.37 19.16
C VAL F 9 8.44 11.44 20.36
N LEU F 10 7.40 10.63 20.55
CA LEU F 10 7.31 9.74 21.70
C LEU F 10 6.96 8.33 21.27
N VAL F 11 7.38 7.36 22.07
CA VAL F 11 6.96 5.97 21.93
C VAL F 11 6.75 5.43 23.34
N GLY F 12 5.52 5.06 23.64
CA GLY F 12 5.19 4.56 24.95
C GLY F 12 3.97 3.68 24.90
N ARG F 13 3.40 3.43 26.07
CA ARG F 13 2.22 2.59 26.22
C ARG F 13 1.11 3.38 26.91
N LEU F 14 -0.10 3.24 26.38
CA LEU F 14 -1.25 3.93 26.96
C LEU F 14 -1.54 3.40 28.36
N THR F 15 -1.78 4.32 29.29
CA THR F 15 -2.17 3.95 30.64
C THR F 15 -3.64 3.59 30.74
N LYS F 16 -4.45 4.02 29.78
CA LYS F 16 -5.88 3.74 29.77
C LYS F 16 -6.35 3.73 28.32
N ASP F 17 -7.56 3.22 28.13
CA ASP F 17 -8.17 3.31 26.82
C ASP F 17 -8.34 4.77 26.43
N PRO F 18 -8.13 5.13 25.16
CA PRO F 18 -8.32 6.52 24.76
C PRO F 18 -9.77 6.95 24.93
N GLU F 19 -9.96 8.24 25.17
CA GLU F 19 -11.28 8.84 25.33
C GLU F 19 -11.62 9.65 24.09
N LEU F 20 -12.69 9.27 23.40
CA LEU F 20 -13.10 9.91 22.16
C LEU F 20 -14.39 10.69 22.40
N ARG F 21 -14.43 11.92 21.89
CA ARG F 21 -15.65 12.72 21.88
C ARG F 21 -15.64 13.57 20.62
N TYR F 22 -16.81 14.09 20.28
CA TYR F 22 -16.96 14.98 19.12
C TYR F 22 -17.39 16.35 19.60
N THR F 23 -16.69 17.38 19.12
CA THR F 23 -16.96 18.76 19.50
C THR F 23 -18.33 19.19 18.98
N PRO F 24 -18.84 20.33 19.45
CA PRO F 24 -20.16 20.79 18.97
C PRO F 24 -20.27 20.88 17.45
N ASN F 25 -19.18 21.17 16.74
CA ASN F 25 -19.22 21.29 15.29
C ASN F 25 -18.65 20.05 14.60
N GLY F 26 -18.62 18.91 15.28
CA GLY F 26 -18.42 17.63 14.62
C GLY F 26 -16.99 17.15 14.53
N ALA F 27 -16.03 17.84 15.13
CA ALA F 27 -14.64 17.41 15.06
C ALA F 27 -14.37 16.33 16.11
N ALA F 28 -13.76 15.24 15.68
CA ALA F 28 -13.38 14.18 16.61
C ALA F 28 -12.16 14.60 17.41
N VAL F 29 -12.15 14.23 18.69
CA VAL F 29 -11.05 14.55 19.59
C VAL F 29 -10.80 13.34 20.47
N ALA F 30 -9.58 12.80 20.43
CA ALA F 30 -9.20 11.64 21.23
C ALA F 30 -8.03 12.02 22.13
N THR F 31 -8.16 11.71 23.41
CA THR F 31 -7.11 11.95 24.40
C THR F 31 -6.63 10.63 24.95
N PHE F 32 -5.37 10.61 25.40
CA PHE F 32 -4.81 9.44 26.03
C PHE F 32 -3.50 9.85 26.70
N THR F 33 -3.07 9.01 27.65
CA THR F 33 -1.84 9.25 28.39
C THR F 33 -0.83 8.18 28.01
N LEU F 34 0.38 8.61 27.66
CA LEU F 34 1.43 7.71 27.20
C LEU F 34 2.48 7.59 28.31
N ALA F 35 2.69 6.37 28.79
CA ALA F 35 3.74 6.09 29.75
C ALA F 35 5.04 5.82 29.01
N VAL F 36 6.03 6.68 29.20
CA VAL F 36 7.31 6.59 28.51
C VAL F 36 8.38 6.34 29.55
N ASN F 37 9.11 5.24 29.40
CA ASN F 37 10.12 4.85 30.38
C ASN F 37 11.33 5.77 30.29
N ARG F 38 11.83 6.21 31.44
CA ARG F 38 13.07 6.96 31.48
C ARG F 38 14.25 6.02 31.23
N THR F 39 15.37 6.60 30.79
CA THR F 39 16.53 5.80 30.43
C THR F 39 17.28 5.27 31.66
N PHE F 40 16.92 5.72 32.86
CA PHE F 40 17.58 5.25 34.07
C PHE F 40 16.55 4.82 35.12
N GLU F 48 11.77 4.55 36.63
CA GLU F 48 10.66 5.50 36.65
C GLU F 48 10.13 5.73 35.24
N ALA F 49 8.96 6.37 35.16
CA ALA F 49 8.33 6.65 33.88
C ALA F 49 7.74 8.06 33.91
N ASP F 50 7.43 8.56 32.72
CA ASP F 50 6.74 9.83 32.55
C ASP F 50 5.40 9.57 31.90
N PHE F 51 4.37 10.24 32.40
CA PHE F 51 2.98 10.02 31.98
C PHE F 51 2.54 11.27 31.22
N ILE F 52 2.61 11.19 29.88
CA ILE F 52 2.47 12.35 29.01
C ILE F 52 1.07 12.35 28.41
N ASN F 53 0.34 13.44 28.58
CA ASN F 53 -1.00 13.56 28.04
C ASN F 53 -0.94 14.03 26.59
N CYS F 54 -1.60 13.29 25.70
CA CYS F 54 -1.60 13.56 24.28
C CYS F 54 -3.02 13.84 23.81
N VAL F 55 -3.12 14.51 22.66
CA VAL F 55 -4.41 14.89 22.08
C VAL F 55 -4.31 14.72 20.57
N THR F 56 -5.33 14.09 19.98
CA THR F 56 -5.43 13.91 18.54
C THR F 56 -6.80 14.39 18.06
N TRP F 57 -6.88 14.66 16.75
CA TRP F 57 -8.07 15.25 16.16
C TRP F 57 -8.48 14.51 14.89
N ARG F 58 -9.79 14.47 14.65
CA ARG F 58 -10.36 14.10 13.35
C ARG F 58 -9.94 12.66 13.02
N ARG F 59 -9.54 12.39 11.77
CA ARG F 59 -9.27 11.01 11.36
C ARG F 59 -8.27 10.35 12.28
N GLN F 60 -7.24 11.09 12.70
CA GLN F 60 -6.27 10.54 13.64
C GLN F 60 -6.94 10.13 14.94
N ALA F 61 -7.84 10.97 15.46
CA ALA F 61 -8.53 10.65 16.70
C ALA F 61 -9.37 9.39 16.56
N GLU F 62 -10.03 9.22 15.42
CA GLU F 62 -10.88 8.05 15.22
C GLU F 62 -10.06 6.78 15.15
N ASN F 63 -8.94 6.80 14.42
CA ASN F 63 -8.06 5.64 14.38
C ASN F 63 -7.56 5.27 15.77
N VAL F 64 -7.17 6.28 16.56
CA VAL F 64 -6.75 6.04 17.94
C VAL F 64 -7.84 5.30 18.70
N ALA F 65 -9.08 5.78 18.60
CA ALA F 65 -10.17 5.18 19.35
C ALA F 65 -10.45 3.75 18.91
N ASN F 66 -10.22 3.45 17.63
CA ASN F 66 -10.56 2.14 17.08
C ASN F 66 -9.45 1.11 17.27
N PHE F 67 -8.19 1.53 17.29
CA PHE F 67 -7.07 0.60 17.25
C PHE F 67 -6.27 0.52 18.54
N LEU F 68 -6.27 1.57 19.36
CA LEU F 68 -5.48 1.59 20.59
C LEU F 68 -6.35 1.35 21.81
N LYS F 69 -5.76 0.67 22.79
CA LYS F 69 -6.43 0.41 24.05
C LYS F 69 -5.37 0.46 25.16
N LYS F 70 -5.82 0.24 26.39
CA LYS F 70 -4.90 0.22 27.52
C LYS F 70 -3.78 -0.77 27.26
N GLY F 71 -2.54 -0.35 27.54
CA GLY F 71 -1.38 -1.17 27.32
C GLY F 71 -0.85 -1.19 25.91
N SER F 72 -1.58 -0.64 24.95
CA SER F 72 -1.13 -0.64 23.57
C SER F 72 0.11 0.23 23.40
N LEU F 73 1.00 -0.19 22.50
CA LEU F 73 2.18 0.57 22.17
C LEU F 73 1.87 1.51 21.02
N ALA F 74 2.23 2.78 21.17
CA ALA F 74 1.92 3.80 20.19
C ALA F 74 3.08 4.78 20.07
N GLY F 75 3.25 5.31 18.87
CA GLY F 75 4.21 6.37 18.59
C GLY F 75 3.49 7.64 18.27
N VAL F 76 3.98 8.76 18.82
CA VAL F 76 3.37 10.07 18.63
C VAL F 76 4.41 11.02 18.05
N ASP F 77 3.98 11.81 17.06
CA ASP F 77 4.79 12.87 16.49
C ASP F 77 3.94 14.13 16.47
N GLY F 78 4.40 15.19 17.14
CA GLY F 78 3.61 16.40 17.18
C GLY F 78 4.30 17.59 17.84
N ARG F 79 3.49 18.44 18.47
CA ARG F 79 3.94 19.70 19.04
C ARG F 79 3.53 19.78 20.51
N LEU F 80 4.30 20.56 21.27
CA LEU F 80 3.91 20.93 22.63
C LEU F 80 3.03 22.17 22.56
N GLN F 81 1.84 22.08 23.14
CA GLN F 81 0.92 23.21 23.22
C GLN F 81 0.36 23.33 24.61
N THR F 82 0.21 24.57 25.07
CA THR F 82 -0.35 24.84 26.39
C THR F 82 -1.85 25.09 26.27
N ARG F 83 -2.59 24.64 27.29
CA ARG F 83 -4.02 24.85 27.37
C ARG F 83 -4.40 25.00 28.83
N ASN F 84 -5.46 25.76 29.08
CA ASN F 84 -5.93 26.00 30.44
C ASN F 84 -7.40 25.63 30.55
N TYR F 85 -7.78 25.17 31.73
CA TYR F 85 -9.14 24.72 31.98
C TYR F 85 -9.39 24.80 33.49
N GLU F 86 -10.67 24.72 33.85
CA GLU F 86 -11.07 24.65 35.26
C GLU F 86 -11.20 23.20 35.66
N ASN F 87 -10.50 22.79 36.73
CA ASN F 87 -10.58 21.43 37.21
C ASN F 87 -11.88 21.24 37.99
N GLN F 88 -12.01 20.12 38.68
CA GLN F 88 -13.27 19.77 39.34
C GLN F 88 -13.68 20.77 40.40
N GLN F 89 -12.74 21.57 40.92
CA GLN F 89 -13.04 22.55 41.96
C GLN F 89 -13.00 23.98 41.45
N GLY F 90 -12.98 24.18 40.13
CA GLY F 90 -12.92 25.51 39.56
C GLY F 90 -11.55 26.10 39.45
N GLN F 91 -10.54 25.52 40.10
CA GLN F 91 -9.17 26.01 39.99
C GLN F 91 -8.72 25.93 38.55
N ARG F 92 -8.40 27.08 37.95
CA ARG F 92 -7.97 27.12 36.57
C ARG F 92 -6.48 26.77 36.52
N VAL F 93 -6.16 25.66 35.87
CA VAL F 93 -4.80 25.15 35.80
C VAL F 93 -4.31 25.24 34.37
N PHE F 94 -2.98 25.24 34.22
CA PHE F 94 -2.33 25.35 32.92
C PHE F 94 -1.53 24.07 32.69
N VAL F 95 -1.84 23.38 31.60
CA VAL F 95 -1.22 22.10 31.27
C VAL F 95 -0.50 22.22 29.93
N THR F 96 0.54 21.41 29.77
CA THR F 96 1.25 21.29 28.50
C THR F 96 1.01 19.89 27.96
N GLU F 97 0.35 19.81 26.81
CA GLU F 97 -0.01 18.54 26.20
C GLU F 97 0.73 18.37 24.88
N VAL F 98 0.81 17.12 24.43
CA VAL F 98 1.37 16.81 23.11
C VAL F 98 0.21 16.82 22.13
N GLN F 99 0.22 17.78 21.21
CA GLN F 99 -0.74 17.83 20.11
C GLN F 99 -0.18 16.93 19.02
N ALA F 100 -0.72 15.71 18.91
CA ALA F 100 -0.17 14.70 18.02
C ALA F 100 -0.70 14.92 16.61
N GLU F 101 0.22 15.14 15.66
CA GLU F 101 -0.16 15.27 14.26
C GLU F 101 -0.27 13.91 13.59
N SER F 102 0.50 12.93 14.05
CA SER F 102 0.44 11.59 13.53
C SER F 102 0.67 10.60 14.65
N VAL F 103 -0.07 9.49 14.63
CA VAL F 103 0.04 8.45 15.64
C VAL F 103 0.24 7.12 14.92
N GLN F 104 1.33 6.43 15.24
CA GLN F 104 1.59 5.10 14.72
C GLN F 104 1.15 4.06 15.74
N PHE F 105 0.51 2.99 15.26
CA PHE F 105 0.00 1.95 16.13
C PHE F 105 0.87 0.71 16.07
N MET G 4 3.59 5.30 9.94
CA MET G 4 5.03 5.17 10.36
C MET G 4 5.61 6.53 10.70
N LEU G 5 6.74 6.53 11.40
CA LEU G 5 7.37 7.75 11.91
C LEU G 5 8.54 8.16 11.04
N ASN G 6 8.60 9.44 10.68
CA ASN G 6 9.69 9.99 9.90
C ASN G 6 9.80 11.47 10.28
N ARG G 7 10.78 11.79 11.13
CA ARG G 7 10.92 13.14 11.64
C ARG G 7 12.39 13.53 11.67
N VAL G 8 12.69 14.71 11.13
CA VAL G 8 14.04 15.25 11.11
C VAL G 8 13.98 16.69 11.57
N VAL G 9 14.92 17.07 12.44
CA VAL G 9 15.04 18.43 12.92
C VAL G 9 16.51 18.83 12.83
N LEU G 10 16.79 19.91 12.09
CA LEU G 10 18.16 20.36 11.85
C LEU G 10 18.26 21.85 12.16
N VAL G 11 19.47 22.25 12.56
CA VAL G 11 19.81 23.66 12.70
C VAL G 11 21.25 23.82 12.20
N GLY G 12 21.42 24.56 11.11
CA GLY G 12 22.75 24.77 10.55
C GLY G 12 22.82 26.06 9.75
N ARG G 13 23.85 26.17 8.91
CA ARG G 13 24.07 27.36 8.10
C ARG G 13 24.05 26.99 6.62
N LEU G 14 23.47 27.88 5.81
CA LEU G 14 23.43 27.65 4.37
C LEU G 14 24.82 27.83 3.77
N THR G 15 25.27 26.81 3.04
CA THR G 15 26.58 26.87 2.41
C THR G 15 26.61 27.88 1.26
N LYS G 16 25.47 28.13 0.63
CA LYS G 16 25.37 29.08 -0.47
C LYS G 16 24.01 29.76 -0.38
N ASP G 17 23.73 30.62 -1.36
CA ASP G 17 22.42 31.26 -1.42
C ASP G 17 21.37 30.26 -1.88
N PRO G 18 20.13 30.41 -1.42
CA PRO G 18 19.08 29.47 -1.84
C PRO G 18 18.79 29.60 -3.34
N GLU G 19 18.46 28.46 -3.94
CA GLU G 19 18.17 28.37 -5.37
C GLU G 19 16.67 28.20 -5.54
N LEU G 20 15.98 29.30 -5.84
CA LEU G 20 14.53 29.29 -6.05
C LEU G 20 14.24 28.96 -7.51
N ARG G 21 13.47 27.90 -7.73
CA ARG G 21 13.00 27.51 -9.04
C ARG G 21 11.50 27.23 -8.96
N TYR G 22 10.85 27.29 -10.11
CA TYR G 22 9.40 27.07 -10.20
C TYR G 22 9.12 25.80 -10.98
N THR G 23 8.26 24.95 -10.43
CA THR G 23 7.75 23.80 -11.14
C THR G 23 6.92 24.28 -12.33
N PRO G 24 6.68 23.42 -13.33
CA PRO G 24 5.83 23.85 -14.45
C PRO G 24 4.40 24.16 -14.04
N ASN G 25 3.93 23.61 -12.91
CA ASN G 25 2.57 23.82 -12.45
C ASN G 25 2.44 24.98 -11.46
N GLY G 26 3.45 25.84 -11.36
CA GLY G 26 3.33 27.06 -10.58
C GLY G 26 4.00 27.04 -9.22
N ALA G 27 3.93 25.89 -8.53
CA ALA G 27 4.46 25.80 -7.17
C ALA G 27 5.91 26.28 -7.12
N ALA G 28 6.21 27.11 -6.13
CA ALA G 28 7.59 27.54 -5.90
C ALA G 28 8.35 26.48 -5.12
N VAL G 29 9.65 26.40 -5.36
CA VAL G 29 10.51 25.43 -4.70
C VAL G 29 11.86 26.08 -4.46
N ALA G 30 12.31 26.05 -3.21
CA ALA G 30 13.61 26.61 -2.81
C ALA G 30 14.44 25.51 -2.19
N THR G 31 15.62 25.26 -2.75
CA THR G 31 16.54 24.26 -2.25
C THR G 31 17.77 24.94 -1.65
N PHE G 32 18.35 24.30 -0.64
CA PHE G 32 19.55 24.82 0.00
C PHE G 32 20.23 23.68 0.75
N THR G 33 21.53 23.85 0.97
CA THR G 33 22.33 22.89 1.70
C THR G 33 22.65 23.45 3.07
N LEU G 34 22.45 22.64 4.10
CA LEU G 34 22.66 23.05 5.48
C LEU G 34 23.89 22.32 6.01
N ALA G 35 24.89 23.09 6.45
CA ALA G 35 26.10 22.53 7.03
C ALA G 35 25.94 22.46 8.55
N VAL G 36 25.77 21.26 9.07
CA VAL G 36 25.55 21.02 10.49
C VAL G 36 26.83 20.41 11.05
N ASN G 37 27.51 21.17 11.91
CA ASN G 37 28.75 20.71 12.49
C ASN G 37 28.51 19.56 13.47
N ARG G 38 29.31 18.51 13.36
CA ARG G 38 29.20 17.38 14.26
C ARG G 38 29.62 17.80 15.67
N THR G 39 29.09 17.07 16.67
CA THR G 39 29.32 17.43 18.05
C THR G 39 30.71 17.04 18.54
N PHE G 40 31.31 16.02 17.95
CA PHE G 40 32.60 15.51 18.41
C PHE G 40 33.72 16.09 17.56
N THR G 41 34.87 16.34 18.20
CA THR G 41 36.04 16.86 17.51
C THR G 41 36.69 15.78 16.67
N GLY G 45 42.22 15.88 15.60
CA GLY G 45 41.64 17.08 16.17
C GLY G 45 41.05 18.01 15.13
N GLU G 46 39.87 17.63 14.62
CA GLU G 46 39.17 18.44 13.62
C GLU G 46 37.68 18.28 13.84
N ARG G 47 36.94 19.34 13.50
CA ARG G 47 35.49 19.36 13.65
C ARG G 47 34.88 19.33 12.25
N GLU G 48 34.61 18.14 11.75
CA GLU G 48 33.95 17.98 10.46
C GLU G 48 32.50 18.41 10.56
N ALA G 49 31.80 18.39 9.43
CA ALA G 49 30.40 18.79 9.37
C ALA G 49 29.68 17.96 8.34
N ASP G 50 28.36 17.94 8.45
CA ASP G 50 27.49 17.25 7.50
C ASP G 50 26.70 18.27 6.70
N PHE G 51 26.62 18.06 5.39
CA PHE G 51 26.02 19.01 4.46
C PHE G 51 24.75 18.37 3.91
N ILE G 52 23.60 18.78 4.44
CA ILE G 52 22.32 18.13 4.16
C ILE G 52 21.52 19.01 3.20
N ASN G 53 20.89 18.36 2.23
CA ASN G 53 20.05 19.05 1.25
C ASN G 53 18.63 19.16 1.76
N CYS G 54 18.08 20.37 1.70
CA CYS G 54 16.73 20.65 2.17
C CYS G 54 15.90 21.24 1.05
N VAL G 55 14.58 20.99 1.12
CA VAL G 55 13.67 21.39 0.06
C VAL G 55 12.41 21.96 0.70
N THR G 56 12.03 23.17 0.29
CA THR G 56 10.79 23.81 0.72
C THR G 56 9.89 24.03 -0.49
N TRP G 57 8.62 24.36 -0.21
CA TRP G 57 7.61 24.48 -1.26
C TRP G 57 6.72 25.68 -0.97
N ARG G 58 6.11 26.18 -2.03
CA ARG G 58 5.03 27.19 -1.99
C ARG G 58 5.48 28.35 -1.10
N ARG G 59 4.69 28.73 -0.09
CA ARG G 59 4.98 29.93 0.68
C ARG G 59 6.34 29.84 1.38
N GLN G 60 6.64 28.68 1.98
CA GLN G 60 7.92 28.53 2.67
C GLN G 60 9.08 28.75 1.71
N ALA G 61 9.00 28.18 0.50
CA ALA G 61 10.07 28.36 -0.47
C ALA G 61 10.29 29.85 -0.77
N GLU G 62 9.20 30.59 -0.96
CA GLU G 62 9.33 32.01 -1.29
C GLU G 62 9.96 32.79 -0.15
N ASN G 63 9.57 32.49 1.09
CA ASN G 63 10.19 33.15 2.24
C ASN G 63 11.67 32.81 2.32
N VAL G 64 12.03 31.55 2.04
CA VAL G 64 13.44 31.16 2.04
C VAL G 64 14.22 32.04 1.08
N ALA G 65 13.76 32.13 -0.18
CA ALA G 65 14.50 32.87 -1.20
C ALA G 65 14.69 34.33 -0.80
N ASN G 66 13.66 34.94 -0.21
CA ASN G 66 13.73 36.37 0.09
C ASN G 66 14.67 36.65 1.26
N PHE G 67 14.59 35.86 2.33
CA PHE G 67 15.19 36.24 3.60
C PHE G 67 16.42 35.42 3.99
N LEU G 68 16.73 34.35 3.26
CA LEU G 68 17.88 33.51 3.58
C LEU G 68 18.95 33.69 2.51
N LYS G 69 20.19 33.91 2.96
CA LYS G 69 21.35 34.05 2.08
C LYS G 69 22.43 33.09 2.53
N LYS G 70 23.54 33.08 1.81
CA LYS G 70 24.65 32.20 2.14
C LYS G 70 25.12 32.45 3.56
N GLY G 71 25.50 31.37 4.25
CA GLY G 71 26.02 31.48 5.59
C GLY G 71 25.03 31.97 6.62
N SER G 72 23.74 31.80 6.38
CA SER G 72 22.71 32.23 7.31
C SER G 72 22.23 31.04 8.15
N LEU G 73 22.03 31.29 9.44
CA LEU G 73 21.59 30.23 10.35
C LEU G 73 20.10 29.97 10.16
N ALA G 74 19.76 28.71 9.93
CA ALA G 74 18.37 28.34 9.66
C ALA G 74 18.04 27.05 10.41
N GLY G 75 16.78 26.97 10.84
CA GLY G 75 16.24 25.77 11.47
C GLY G 75 15.26 25.08 10.51
N VAL G 76 15.26 23.76 10.54
CA VAL G 76 14.46 22.96 9.62
C VAL G 76 13.75 21.87 10.40
N ASP G 77 12.44 21.75 10.18
CA ASP G 77 11.63 20.67 10.73
C ASP G 77 10.87 20.02 9.57
N GLY G 78 11.07 18.72 9.39
CA GLY G 78 10.41 18.02 8.32
C GLY G 78 10.61 16.52 8.36
N ARG G 79 10.62 15.88 7.20
CA ARG G 79 10.77 14.44 7.08
C ARG G 79 11.87 14.13 6.08
N LEU G 80 12.29 12.88 6.08
CA LEU G 80 13.42 12.43 5.27
C LEU G 80 12.88 11.70 4.03
N GLN G 81 13.27 12.16 2.85
CA GLN G 81 12.78 11.59 1.60
C GLN G 81 13.94 11.30 0.66
N THR G 82 13.76 10.28 -0.17
CA THR G 82 14.75 9.84 -1.14
C THR G 82 14.19 9.97 -2.55
N ARG G 83 15.07 9.86 -3.54
CA ARG G 83 14.69 10.00 -4.93
C ARG G 83 15.65 9.22 -5.82
N ASN G 84 15.14 8.82 -6.99
CA ASN G 84 15.95 8.24 -8.05
C ASN G 84 15.88 9.14 -9.29
N TYR G 85 16.97 9.16 -10.05
CA TYR G 85 16.98 9.81 -11.34
C TYR G 85 18.29 9.45 -12.05
N GLU G 86 18.21 9.26 -13.36
CA GLU G 86 19.35 8.83 -14.15
C GLU G 86 19.96 10.04 -14.85
N ASN G 87 21.24 10.31 -14.59
CA ASN G 87 21.94 11.41 -15.22
C ASN G 87 22.09 11.14 -16.72
N GLN G 88 22.75 12.07 -17.41
CA GLN G 88 22.88 12.03 -18.86
C GLN G 88 23.61 10.79 -19.35
N GLN G 89 24.06 9.93 -18.44
CA GLN G 89 24.79 8.73 -18.80
C GLN G 89 24.03 7.44 -18.54
N GLY G 90 22.85 7.51 -17.91
CA GLY G 90 22.07 6.33 -17.57
C GLY G 90 22.30 5.80 -16.17
N GLN G 91 23.40 6.18 -15.53
CA GLN G 91 23.64 5.75 -14.15
C GLN G 91 22.55 6.29 -13.24
N ARG G 92 22.00 5.41 -12.40
CA ARG G 92 20.95 5.80 -11.48
C ARG G 92 21.55 6.57 -10.30
N VAL G 93 21.10 7.80 -10.11
CA VAL G 93 21.56 8.65 -9.02
C VAL G 93 20.54 8.57 -7.90
N PHE G 94 20.97 8.13 -6.73
CA PHE G 94 20.13 8.05 -5.54
C PHE G 94 20.31 9.31 -4.71
N VAL G 95 19.20 10.01 -4.45
CA VAL G 95 19.22 11.26 -3.72
C VAL G 95 18.47 11.08 -2.41
N THR G 96 18.92 11.80 -1.39
CA THR G 96 18.28 11.83 -0.09
C THR G 96 18.21 13.28 0.38
N GLU G 97 17.00 13.76 0.64
CA GLU G 97 16.80 15.15 1.00
C GLU G 97 15.73 15.25 2.07
N VAL G 98 15.75 16.37 2.80
CA VAL G 98 14.80 16.64 3.87
C VAL G 98 13.73 17.58 3.32
N GLN G 99 12.49 17.10 3.27
CA GLN G 99 11.36 17.94 2.91
C GLN G 99 10.96 18.75 4.13
N ALA G 100 11.35 20.02 4.14
CA ALA G 100 11.13 20.90 5.28
C ALA G 100 9.66 21.31 5.33
N GLU G 101 8.89 20.68 6.23
CA GLU G 101 7.53 21.13 6.47
C GLU G 101 7.49 22.52 7.09
N SER G 102 8.59 22.95 7.71
CA SER G 102 8.65 24.27 8.33
C SER G 102 10.11 24.69 8.42
N VAL G 103 10.36 25.98 8.25
CA VAL G 103 11.70 26.55 8.32
C VAL G 103 11.66 27.80 9.18
N GLN G 104 12.53 27.86 10.17
CA GLN G 104 12.68 29.04 11.02
C GLN G 104 13.95 29.78 10.62
N PHE G 105 13.82 31.08 10.38
CA PHE G 105 14.95 31.90 9.94
C PHE G 105 15.59 32.50 11.17
N LEU G 106 16.58 31.77 11.72
CA LEU G 106 17.25 32.19 12.94
C LEU G 106 18.17 33.38 12.72
N GLU G 107 18.50 33.71 11.48
CA GLU G 107 19.40 34.83 11.20
C GLU G 107 20.76 34.63 11.88
N HIS H 3 22.75 26.71 18.06
CA HIS H 3 23.98 26.65 17.24
C HIS H 3 23.85 25.59 16.15
N MET H 4 23.84 24.32 16.56
CA MET H 4 23.78 23.21 15.63
C MET H 4 22.92 22.10 16.23
N LEU H 5 22.22 21.38 15.35
CA LEU H 5 21.34 20.30 15.78
C LEU H 5 21.15 19.35 14.61
N ASN H 6 21.12 18.05 14.92
CA ASN H 6 20.97 17.02 13.88
C ASN H 6 20.36 15.79 14.55
N ARG H 7 19.04 15.67 14.46
CA ARG H 7 18.32 14.54 15.05
C ARG H 7 17.31 14.00 14.05
N VAL H 8 17.24 12.67 13.96
CA VAL H 8 16.31 11.99 13.09
C VAL H 8 15.72 10.81 13.86
N VAL H 9 14.43 10.58 13.65
CA VAL H 9 13.73 9.44 14.23
C VAL H 9 12.95 8.76 13.10
N LEU H 10 13.12 7.44 12.99
CA LEU H 10 12.46 6.66 11.95
C LEU H 10 11.88 5.40 12.55
N VAL H 11 10.75 4.97 11.99
CA VAL H 11 10.17 3.67 12.25
C VAL H 11 9.71 3.10 10.92
N GLY H 12 10.32 2.00 10.49
CA GLY H 12 9.98 1.39 9.22
C GLY H 12 10.24 -0.10 9.20
N ARG H 13 10.26 -0.69 8.02
CA ARG H 13 10.50 -2.12 7.87
C ARG H 13 11.73 -2.35 7.01
N LEU H 14 12.51 -3.37 7.39
CA LEU H 14 13.71 -3.72 6.65
C LEU H 14 13.36 -4.14 5.23
N THR H 15 14.02 -3.52 4.24
CA THR H 15 13.80 -3.91 2.86
C THR H 15 14.47 -5.25 2.53
N LYS H 16 15.61 -5.53 3.17
CA LYS H 16 16.31 -6.79 2.96
C LYS H 16 17.03 -7.14 4.26
N ASP H 17 17.62 -8.32 4.29
CA ASP H 17 18.33 -8.77 5.47
C ASP H 17 19.44 -7.76 5.80
N PRO H 18 19.71 -7.51 7.08
CA PRO H 18 20.77 -6.56 7.43
C PRO H 18 22.15 -7.17 7.17
N GLU H 19 23.05 -6.35 6.63
CA GLU H 19 24.41 -6.77 6.37
C GLU H 19 25.30 -6.42 7.55
N LEU H 20 26.04 -7.41 8.05
CA LEU H 20 26.98 -7.23 9.15
C LEU H 20 28.40 -7.38 8.61
N ARG H 21 29.27 -6.45 8.99
CA ARG H 21 30.68 -6.54 8.66
C ARG H 21 31.48 -5.95 9.82
N TYR H 22 32.80 -6.15 9.76
CA TYR H 22 33.70 -5.71 10.81
C TYR H 22 34.78 -4.83 10.21
N THR H 23 35.09 -3.73 10.88
CA THR H 23 36.18 -2.88 10.47
C THR H 23 37.50 -3.63 10.65
N PRO H 24 38.58 -3.14 10.02
CA PRO H 24 39.88 -3.81 10.24
C PRO H 24 40.30 -3.82 11.69
N ASN H 25 39.81 -2.87 12.48
CA ASN H 25 40.20 -2.75 13.89
C ASN H 25 39.37 -3.63 14.82
N GLY H 26 38.32 -4.26 14.31
CA GLY H 26 37.53 -5.20 15.09
C GLY H 26 36.17 -4.71 15.56
N ALA H 27 35.65 -3.62 15.00
CA ALA H 27 34.36 -3.08 15.40
C ALA H 27 33.27 -3.57 14.46
N ALA H 28 32.16 -4.00 15.04
CA ALA H 28 31.02 -4.46 14.24
C ALA H 28 30.27 -3.28 13.65
N VAL H 29 29.81 -3.45 12.41
CA VAL H 29 29.07 -2.43 11.69
C VAL H 29 27.92 -3.10 10.97
N ALA H 30 26.69 -2.74 11.33
CA ALA H 30 25.50 -3.29 10.69
C ALA H 30 24.90 -2.25 9.75
N THR H 31 24.51 -2.70 8.56
CA THR H 31 23.92 -1.85 7.54
C THR H 31 22.53 -2.38 7.22
N PHE H 32 21.60 -1.47 6.93
CA PHE H 32 20.26 -1.85 6.53
C PHE H 32 19.52 -0.62 6.02
N THR H 33 18.46 -0.88 5.25
CA THR H 33 17.65 0.16 4.63
C THR H 33 16.22 0.03 5.14
N LEU H 34 15.67 1.14 5.62
CA LEU H 34 14.31 1.16 6.16
C LEU H 34 13.35 1.72 5.13
N ALA H 35 12.24 1.00 4.92
CA ALA H 35 11.15 1.49 4.08
C ALA H 35 10.12 2.16 4.98
N VAL H 36 10.04 3.49 4.90
CA VAL H 36 9.15 4.27 5.75
C VAL H 36 8.04 4.81 4.87
N ASN H 37 6.80 4.44 5.20
CA ASN H 37 5.65 4.91 4.43
C ASN H 37 5.41 6.39 4.69
N ARG H 38 4.98 7.08 3.64
CA ARG H 38 4.54 8.46 3.76
C ARG H 38 3.08 8.51 4.16
N THR H 39 2.65 9.67 4.66
CA THR H 39 1.23 9.93 4.80
C THR H 39 0.63 10.19 3.42
N PHE H 40 -0.71 10.13 3.36
CA PHE H 40 -1.43 10.30 2.10
C PHE H 40 -0.80 11.34 1.18
N ASN H 42 1.55 13.66 1.38
CA ASN H 42 2.96 13.85 1.06
C ASN H 42 3.39 12.96 -0.10
N GLN H 43 2.49 12.08 -0.52
CA GLN H 43 2.77 11.19 -1.64
C GLN H 43 2.95 11.99 -2.93
N SER H 44 4.19 12.05 -3.43
CA SER H 44 4.50 12.81 -4.63
C SER H 44 4.33 11.90 -5.85
N GLY H 45 3.09 11.83 -6.34
CA GLY H 45 2.79 11.04 -7.51
C GLY H 45 3.03 9.55 -7.32
N GLU H 46 4.19 9.07 -7.76
CA GLU H 46 4.50 7.64 -7.74
C GLU H 46 5.13 7.18 -6.44
N ARG H 47 5.49 8.10 -5.55
CA ARG H 47 6.26 7.77 -4.36
C ARG H 47 5.34 7.70 -3.15
N GLU H 48 5.17 6.48 -2.61
CA GLU H 48 4.39 6.25 -1.41
C GLU H 48 5.26 6.00 -0.18
N ALA H 49 6.55 5.73 -0.35
CA ALA H 49 7.42 5.41 0.75
C ALA H 49 8.81 5.96 0.47
N ASP H 50 9.65 5.98 1.50
CA ASP H 50 11.04 6.38 1.39
C ASP H 50 11.93 5.25 1.88
N PHE H 51 13.13 5.16 1.29
CA PHE H 51 14.06 4.07 1.57
C PHE H 51 15.35 4.67 2.10
N ILE H 52 15.51 4.64 3.42
CA ILE H 52 16.61 5.35 4.09
C ILE H 52 17.67 4.33 4.49
N ASN H 53 18.91 4.61 4.12
CA ASN H 53 20.05 3.77 4.50
C ASN H 53 20.45 4.08 5.94
N CYS H 54 20.45 3.07 6.80
CA CYS H 54 20.80 3.23 8.20
C CYS H 54 22.10 2.49 8.51
N VAL H 55 22.80 2.97 9.54
CA VAL H 55 24.07 2.40 9.95
C VAL H 55 24.13 2.40 11.48
N THR H 56 24.70 1.35 12.05
CA THR H 56 24.83 1.26 13.50
C THR H 56 26.06 0.42 13.83
N TRP H 57 26.56 0.58 15.05
CA TRP H 57 27.89 0.12 15.42
C TRP H 57 27.87 -0.73 16.69
N ARG H 58 28.80 -1.68 16.75
CA ARG H 58 29.18 -2.39 17.99
C ARG H 58 27.95 -3.12 18.53
N ARG H 59 27.60 -2.94 19.81
CA ARG H 59 26.51 -3.70 20.39
C ARG H 59 25.22 -3.53 19.60
N GLN H 60 24.96 -2.32 19.13
CA GLN H 60 23.77 -2.09 18.31
C GLN H 60 23.84 -2.90 17.02
N ALA H 61 25.01 -2.91 16.37
CA ALA H 61 25.16 -3.69 15.15
C ALA H 61 24.97 -5.18 15.41
N GLU H 62 25.45 -5.66 16.56
CA GLU H 62 25.28 -7.06 16.90
C GLU H 62 23.80 -7.41 17.08
N ASN H 63 23.05 -6.56 17.77
CA ASN H 63 21.62 -6.79 17.94
C ASN H 63 20.90 -6.80 16.60
N VAL H 64 21.24 -5.86 15.72
CA VAL H 64 20.64 -5.83 14.39
C VAL H 64 20.86 -7.16 13.68
N ALA H 65 22.11 -7.63 13.67
CA ALA H 65 22.43 -8.86 12.95
C ALA H 65 21.79 -10.09 13.57
N ASN H 66 21.39 -10.04 14.84
CA ASN H 66 20.86 -11.20 15.52
C ASN H 66 19.33 -11.26 15.51
N PHE H 67 18.64 -10.13 15.56
CA PHE H 67 17.20 -10.11 15.77
C PHE H 67 16.39 -9.56 14.60
N LEU H 68 17.01 -8.89 13.64
CA LEU H 68 16.29 -8.23 12.56
C LEU H 68 16.54 -8.95 11.25
N LYS H 69 15.47 -9.28 10.55
CA LYS H 69 15.51 -9.89 9.23
C LYS H 69 14.74 -9.01 8.25
N LYS H 70 14.61 -9.48 7.02
CA LYS H 70 13.85 -8.75 6.01
C LYS H 70 12.40 -8.59 6.45
N GLY H 71 11.88 -7.37 6.35
CA GLY H 71 10.51 -7.09 6.74
C GLY H 71 10.29 -6.86 8.21
N SER H 72 11.33 -6.89 9.03
CA SER H 72 11.17 -6.64 10.46
C SER H 72 10.93 -5.16 10.72
N LEU H 73 10.21 -4.88 11.80
CA LEU H 73 9.90 -3.52 12.20
C LEU H 73 11.00 -3.02 13.14
N ALA H 74 11.54 -1.84 12.85
CA ALA H 74 12.65 -1.28 13.62
C ALA H 74 12.47 0.21 13.80
N GLY H 75 12.78 0.69 14.99
CA GLY H 75 12.80 2.11 15.30
C GLY H 75 14.24 2.59 15.45
N VAL H 76 14.54 3.70 14.77
CA VAL H 76 15.88 4.25 14.74
C VAL H 76 15.86 5.65 15.33
N ASP H 77 16.87 5.95 16.13
CA ASP H 77 17.08 7.28 16.69
C ASP H 77 18.55 7.64 16.50
N GLY H 78 18.82 8.68 15.73
CA GLY H 78 20.19 9.06 15.45
C GLY H 78 20.33 10.42 14.80
N ARG H 79 21.25 10.53 13.84
CA ARG H 79 21.54 11.78 13.16
C ARG H 79 21.85 11.51 11.70
N LEU H 80 21.82 12.57 10.91
CA LEU H 80 22.12 12.48 9.48
C LEU H 80 23.62 12.69 9.26
N GLN H 81 24.23 11.80 8.49
CA GLN H 81 25.63 11.89 8.10
C GLN H 81 25.72 11.91 6.58
N THR H 82 26.50 12.83 6.05
CA THR H 82 26.64 13.00 4.60
C THR H 82 28.07 12.72 4.20
N ARG H 83 28.22 12.10 3.02
CA ARG H 83 29.54 11.73 2.51
CA ARG H 83 29.54 11.73 2.51
C ARG H 83 29.48 11.78 0.98
N ASN H 84 30.33 12.62 0.39
CA ASN H 84 30.37 12.80 -1.06
C ASN H 84 31.72 12.34 -1.59
N TYR H 85 31.70 11.51 -2.63
CA TYR H 85 32.91 11.01 -3.26
C TYR H 85 32.68 10.88 -4.75
N GLU H 86 33.79 10.70 -5.48
CA GLU H 86 33.72 10.60 -6.93
C GLU H 86 33.39 9.18 -7.38
N ASN H 87 32.81 9.08 -8.57
CA ASN H 87 32.36 7.80 -9.09
C ASN H 87 33.55 7.02 -9.67
N GLN H 88 33.72 5.78 -9.19
CA GLN H 88 34.79 4.94 -9.72
C GLN H 88 34.59 4.62 -11.19
N GLN H 89 33.34 4.64 -11.66
CA GLN H 89 33.02 4.31 -13.05
C GLN H 89 32.46 5.52 -13.77
N VAL H 93 29.24 10.37 -6.38
CA VAL H 93 28.13 9.83 -5.61
C VAL H 93 27.98 10.60 -4.30
N PHE H 94 26.77 11.11 -4.06
CA PHE H 94 26.44 11.80 -2.82
C PHE H 94 25.69 10.85 -1.91
N VAL H 95 26.16 10.72 -0.66
CA VAL H 95 25.61 9.77 0.29
C VAL H 95 25.00 10.52 1.45
N THR H 96 23.89 10.00 1.96
CA THR H 96 23.25 10.53 3.17
C THR H 96 22.61 9.35 3.89
N GLU H 97 23.07 9.08 5.10
CA GLU H 97 22.63 7.90 5.84
C GLU H 97 22.33 8.29 7.29
N VAL H 98 21.55 7.44 7.95
CA VAL H 98 21.17 7.66 9.34
C VAL H 98 22.16 6.89 10.21
N GLN H 99 22.96 7.63 10.99
CA GLN H 99 23.82 7.03 12.01
C GLN H 99 22.95 6.68 13.20
N ALA H 100 22.53 5.42 13.27
CA ALA H 100 21.59 4.99 14.31
C ALA H 100 22.32 4.87 15.64
N GLU H 101 22.10 5.83 16.54
CA GLU H 101 22.59 5.69 17.90
C GLU H 101 21.93 4.52 18.61
N SER H 102 20.65 4.29 18.34
CA SER H 102 19.89 3.23 18.97
CA SER H 102 19.89 3.22 18.97
C SER H 102 18.95 2.61 17.95
N VAL H 103 18.80 1.28 18.03
CA VAL H 103 17.91 0.53 17.16
C VAL H 103 17.06 -0.36 18.06
N GLN H 104 15.75 -0.18 18.01
CA GLN H 104 14.82 -0.88 18.90
C GLN H 104 13.79 -1.65 18.09
N PHE H 105 13.30 -2.73 18.68
CA PHE H 105 12.41 -3.66 18.02
C PHE H 105 11.56 -4.34 19.08
N LEU H 106 10.98 -5.49 18.73
CA LEU H 106 10.10 -6.22 19.64
C LEU H 106 10.61 -7.64 19.86
#